data_4M9D
#
_entry.id   4M9D
#
_cell.length_a   128.045
_cell.length_b   255.947
_cell.length_c   61.131
_cell.angle_alpha   90.00
_cell.angle_beta   90.00
_cell.angle_gamma   90.00
#
_symmetry.space_group_name_H-M   'C 2 2 21'
#
loop_
_entity.id
_entity.type
_entity.pdbx_description
1 polymer 'Adenylosuccinate synthetase'
2 non-polymer 'ADENOSINE MONOPHOSPHATE'
3 non-polymer 'MALONATE ION'
4 non-polymer 1,2-ETHANEDIOL
5 non-polymer 'FORMIC ACID'
6 non-polymer 'PHOSPHATE ION'
7 water water
#
_entity_poly.entity_id   1
_entity_poly.type   'polypeptide(L)'
_entity_poly.pdbx_seq_one_letter_code
;SNA(MSE)SSVVVVGTQWGDEGKGKITDFLSEHAEVVARYQGGNNAGHTIVFGGVKYKLHLIPSGIFYKEKICVIGNGLV
VDPKALLEELKYLHDRGVSTDNLRVSNRAHVILPYHLKQDELEEASKGDNKIGTTKKGIGPAY(MSE)DKAARIGIR
(MSE)ADLLDREAFKEKLEQNLAQKNRLFEK(MSE)YDTEGFSVDEIFEEYFEYGQQIAQYVCDTSVVLNDALDNNHRVL
FEGAQGV(MSE)LDIDHGTYPFVTSSNPIAGGVTVGTGVGPAKVTRVVGVCKAYTSRVGDGPFPTELHDEIGHQIREVGR
EYGTTTGRPRRVGWFDSVVVRHARRVSGLTDLSLNSIDVLTGIPTLKICVAYKCDGKVIDEVPANLNILAKCEPVCEELP
GWTEDITGVRSLDELPENARKYVERVSELTGIQLS(MSE)FSVGPDRNQTNIVRNVYEA
;
_entity_poly.pdbx_strand_id   A,B
#
# COMPACT_ATOMS: atom_id res chain seq x y z
N SER A 5 -9.18 1.95 -20.78
CA SER A 5 -8.76 0.57 -20.59
C SER A 5 -7.55 0.55 -19.67
N SER A 6 -7.73 0.01 -18.47
CA SER A 6 -6.67 -0.08 -17.50
C SER A 6 -6.89 -1.37 -16.73
N VAL A 7 -6.09 -2.39 -17.05
CA VAL A 7 -6.32 -3.75 -16.59
C VAL A 7 -5.18 -4.19 -15.68
N VAL A 8 -5.52 -4.84 -14.57
CA VAL A 8 -4.50 -5.40 -13.68
C VAL A 8 -4.59 -6.92 -13.73
N VAL A 9 -3.44 -7.57 -13.84
CA VAL A 9 -3.40 -9.04 -13.82
C VAL A 9 -2.82 -9.42 -12.47
N VAL A 10 -3.59 -10.14 -11.65
CA VAL A 10 -3.10 -10.46 -10.30
C VAL A 10 -3.17 -11.97 -10.06
N GLY A 11 -2.23 -12.46 -9.27
CA GLY A 11 -2.24 -13.87 -8.91
C GLY A 11 -3.18 -14.04 -7.72
N THR A 12 -4.02 -15.07 -7.76
CA THR A 12 -5.00 -15.27 -6.69
C THR A 12 -4.51 -16.26 -5.64
N GLN A 13 -3.38 -16.90 -5.89
CA GLN A 13 -2.88 -17.93 -4.97
C GLN A 13 -1.58 -17.53 -4.33
N TRP A 14 -0.57 -18.40 -4.36
CA TRP A 14 0.72 -18.03 -3.80
C TRP A 14 1.78 -17.82 -4.89
N GLY A 15 1.41 -17.07 -5.93
CA GLY A 15 2.41 -16.53 -6.84
C GLY A 15 2.85 -17.38 -8.01
N ASP A 16 2.30 -18.58 -8.10
CA ASP A 16 2.73 -19.48 -9.15
C ASP A 16 1.51 -19.85 -10.00
N GLU A 17 0.77 -18.83 -10.44
CA GLU A 17 -0.54 -19.07 -11.04
C GLU A 17 -0.53 -19.15 -12.58
N GLY A 18 0.61 -18.83 -13.19
CA GLY A 18 0.68 -18.74 -14.64
C GLY A 18 0.27 -17.35 -15.11
N LYS A 19 0.56 -16.34 -14.30
CA LYS A 19 0.21 -14.96 -14.63
C LYS A 19 0.80 -14.54 -15.96
N GLY A 20 2.01 -15.01 -16.24
CA GLY A 20 2.73 -14.67 -17.46
C GLY A 20 1.94 -14.97 -18.72
N LYS A 21 1.23 -16.10 -18.74
CA LYS A 21 0.42 -16.47 -19.90
C LYS A 21 -0.63 -15.42 -20.20
N ILE A 22 -1.17 -14.84 -19.13
CA ILE A 22 -2.26 -13.89 -19.25
C ILE A 22 -1.69 -12.51 -19.60
N THR A 23 -0.65 -12.11 -18.89
CA THR A 23 0.06 -10.86 -19.16
C THR A 23 0.62 -10.82 -20.59
N ASP A 24 1.21 -11.92 -21.05
CA ASP A 24 1.76 -11.96 -22.41
C ASP A 24 0.67 -11.77 -23.45
N PHE A 25 -0.49 -12.37 -23.21
CA PHE A 25 -1.60 -12.21 -24.15
C PHE A 25 -2.12 -10.78 -24.11
N LEU A 26 -2.39 -10.27 -22.91
CA LEU A 26 -2.96 -8.93 -22.79
C LEU A 26 -1.99 -7.81 -23.22
N SER A 27 -0.69 -8.05 -23.08
CA SER A 27 0.30 -7.05 -23.48
C SER A 27 0.22 -6.71 -24.96
N GLU A 28 -0.22 -7.66 -25.78
CA GLU A 28 -0.28 -7.44 -27.21
C GLU A 28 -1.09 -6.19 -27.57
N HIS A 29 -2.15 -5.93 -26.82
CA HIS A 29 -2.97 -4.76 -27.13
C HIS A 29 -2.87 -3.62 -26.12
N ALA A 30 -1.94 -3.73 -25.17
CA ALA A 30 -1.64 -2.62 -24.25
C ALA A 30 -0.58 -1.71 -24.84
N GLU A 31 -0.59 -0.45 -24.42
CA GLU A 31 0.39 0.52 -24.90
C GLU A 31 1.40 0.85 -23.80
N VAL A 32 1.02 0.56 -22.56
CA VAL A 32 1.92 0.66 -21.42
C VAL A 32 1.75 -0.61 -20.56
N VAL A 33 2.87 -1.18 -20.13
CA VAL A 33 2.87 -2.33 -19.24
C VAL A 33 3.69 -1.97 -17.99
N ALA A 34 3.10 -2.12 -16.81
CA ALA A 34 3.76 -1.64 -15.60
C ALA A 34 3.78 -2.63 -14.45
N ARG A 35 4.97 -2.81 -13.86
CA ARG A 35 5.10 -3.50 -12.59
C ARG A 35 4.82 -2.51 -11.49
N TYR A 36 4.28 -2.98 -10.36
CA TYR A 36 3.93 -2.07 -9.28
C TYR A 36 4.41 -2.46 -7.88
N GLN A 37 4.97 -3.66 -7.73
CA GLN A 37 5.48 -4.10 -6.43
C GLN A 37 6.45 -5.25 -6.60
N GLY A 38 7.17 -5.58 -5.53
CA GLY A 38 8.11 -6.68 -5.56
C GLY A 38 9.43 -6.24 -6.17
N GLY A 39 10.24 -7.21 -6.56
CA GLY A 39 11.54 -6.93 -7.16
C GLY A 39 11.87 -7.99 -8.17
N ASN A 40 13.07 -8.57 -8.07
CA ASN A 40 13.47 -9.64 -8.97
C ASN A 40 13.04 -11.01 -8.46
N ASN A 41 12.17 -11.03 -7.44
CA ASN A 41 11.51 -12.25 -6.99
C ASN A 41 10.26 -12.50 -7.85
N ALA A 42 10.43 -12.39 -9.16
CA ALA A 42 9.32 -12.54 -10.08
C ALA A 42 9.87 -12.98 -11.40
N GLY A 43 8.96 -13.25 -12.33
CA GLY A 43 9.35 -13.47 -13.70
C GLY A 43 8.81 -14.76 -14.26
N HIS A 44 8.82 -14.86 -15.59
CA HIS A 44 8.42 -16.07 -16.28
C HIS A 44 9.12 -16.08 -17.61
N THR A 45 8.92 -17.16 -18.36
CA THR A 45 9.49 -17.28 -19.71
C THR A 45 8.51 -16.70 -20.74
N ILE A 46 8.94 -15.65 -21.43
CA ILE A 46 8.14 -15.05 -22.48
C ILE A 46 8.58 -15.63 -23.82
N VAL A 47 7.62 -16.04 -24.66
CA VAL A 47 7.93 -16.37 -26.05
C VAL A 47 7.57 -15.17 -26.93
N PHE A 48 8.58 -14.60 -27.60
CA PHE A 48 8.35 -13.45 -28.48
C PHE A 48 8.98 -13.71 -29.84
N GLY A 49 8.15 -13.70 -30.88
CA GLY A 49 8.64 -14.02 -32.21
C GLY A 49 9.20 -15.43 -32.27
N GLY A 50 8.76 -16.29 -31.34
CA GLY A 50 9.19 -17.68 -31.34
C GLY A 50 10.38 -17.93 -30.43
N VAL A 51 10.96 -16.85 -29.91
CA VAL A 51 12.16 -16.92 -29.07
C VAL A 51 11.80 -16.84 -27.59
N LYS A 52 12.36 -17.75 -26.78
CA LYS A 52 12.10 -17.73 -25.33
C LYS A 52 13.01 -16.74 -24.61
N TYR A 53 12.42 -15.95 -23.72
CA TYR A 53 13.16 -15.00 -22.88
C TYR A 53 12.73 -15.14 -21.42
N LYS A 54 13.68 -15.09 -20.50
CA LYS A 54 13.36 -15.09 -19.08
C LYS A 54 13.72 -13.76 -18.43
N LEU A 55 12.74 -13.11 -17.84
CA LEU A 55 12.93 -11.81 -17.20
C LEU A 55 12.51 -11.87 -15.74
N HIS A 56 12.87 -10.86 -14.96
CA HIS A 56 12.51 -10.82 -13.54
C HIS A 56 11.96 -9.45 -13.12
N LEU A 57 12.72 -8.41 -13.40
CA LEU A 57 12.30 -7.06 -13.04
C LEU A 57 11.62 -6.32 -14.19
N ILE A 58 12.08 -6.56 -15.40
CA ILE A 58 11.61 -5.82 -16.56
C ILE A 58 10.21 -6.30 -16.99
N PRO A 59 9.26 -5.36 -17.18
CA PRO A 59 7.90 -5.77 -17.55
C PRO A 59 7.83 -6.52 -18.87
N SER A 60 6.78 -7.31 -19.03
CA SER A 60 6.71 -8.25 -20.14
C SER A 60 6.48 -7.61 -21.51
N GLY A 61 6.21 -6.31 -21.53
CA GLY A 61 5.99 -5.62 -22.79
C GLY A 61 7.26 -5.08 -23.44
N ILE A 62 8.42 -5.35 -22.86
CA ILE A 62 9.67 -4.73 -23.31
C ILE A 62 10.00 -5.03 -24.78
N PHE A 63 9.53 -6.17 -25.26
CA PHE A 63 9.88 -6.63 -26.61
C PHE A 63 9.21 -5.84 -27.73
N TYR A 64 8.15 -5.13 -27.38
CA TYR A 64 7.46 -4.30 -28.35
C TYR A 64 8.03 -2.90 -28.24
N LYS A 65 8.73 -2.46 -29.28
CA LYS A 65 9.47 -1.20 -29.21
C LYS A 65 8.55 -0.01 -28.96
N GLU A 66 7.28 -0.16 -29.32
CA GLU A 66 6.30 0.92 -29.24
C GLU A 66 5.54 0.94 -27.91
N LYS A 67 5.80 -0.03 -27.04
CA LYS A 67 5.12 -0.10 -25.76
C LYS A 67 6.03 0.36 -24.62
N ILE A 68 5.54 1.30 -23.83
CA ILE A 68 6.30 1.81 -22.70
C ILE A 68 6.22 0.83 -21.55
N CYS A 69 7.36 0.51 -20.96
CA CYS A 69 7.40 -0.43 -19.86
C CYS A 69 7.86 0.27 -18.60
N VAL A 70 7.07 0.17 -17.55
CA VAL A 70 7.31 0.94 -16.33
C VAL A 70 7.66 0.06 -15.15
N ILE A 71 8.74 0.42 -14.44
CA ILE A 71 9.02 -0.14 -13.11
C ILE A 71 8.58 0.96 -12.14
N GLY A 72 7.49 0.72 -11.41
CA GLY A 72 6.89 1.77 -10.59
C GLY A 72 7.62 2.05 -9.30
N ASN A 73 7.15 3.04 -8.55
CA ASN A 73 7.80 3.42 -7.29
C ASN A 73 7.67 2.36 -6.21
N GLY A 74 6.75 1.41 -6.40
CA GLY A 74 6.47 0.43 -5.37
C GLY A 74 7.43 -0.74 -5.34
N LEU A 75 8.36 -0.79 -6.29
CA LEU A 75 9.31 -1.91 -6.37
C LEU A 75 10.55 -1.67 -5.54
N VAL A 76 11.24 -2.76 -5.23
CA VAL A 76 12.59 -2.71 -4.67
C VAL A 76 13.52 -3.27 -5.74
N VAL A 77 14.48 -2.44 -6.17
CA VAL A 77 15.26 -2.74 -7.37
C VAL A 77 16.72 -2.99 -7.05
N ASP A 78 17.19 -4.21 -7.36
CA ASP A 78 18.61 -4.52 -7.32
C ASP A 78 19.23 -4.07 -8.66
N PRO A 79 20.05 -3.00 -8.62
CA PRO A 79 20.60 -2.40 -9.84
C PRO A 79 21.52 -3.36 -10.58
N LYS A 80 22.21 -4.21 -9.84
CA LYS A 80 23.05 -5.23 -10.44
C LYS A 80 22.22 -6.18 -11.27
N ALA A 81 21.14 -6.67 -10.67
CA ALA A 81 20.25 -7.62 -11.33
C ALA A 81 19.55 -6.97 -12.52
N LEU A 82 19.17 -5.70 -12.37
CA LEU A 82 18.53 -4.98 -13.46
C LEU A 82 19.48 -4.86 -14.65
N LEU A 83 20.73 -4.52 -14.38
CA LEU A 83 21.72 -4.43 -15.46
C LEU A 83 22.02 -5.77 -16.13
N GLU A 84 21.99 -6.85 -15.35
CA GLU A 84 22.19 -8.17 -15.92
C GLU A 84 21.06 -8.49 -16.91
N GLU A 85 19.84 -8.09 -16.55
CA GLU A 85 18.68 -8.31 -17.42
C GLU A 85 18.75 -7.44 -18.67
N LEU A 86 19.16 -6.19 -18.51
CA LEU A 86 19.36 -5.30 -19.66
C LEU A 86 20.38 -5.86 -20.63
N LYS A 87 21.53 -6.27 -20.11
CA LYS A 87 22.57 -6.84 -20.97
C LYS A 87 22.07 -8.10 -21.67
N TYR A 88 21.32 -8.91 -20.93
CA TYR A 88 20.75 -10.15 -21.46
C TYR A 88 19.91 -9.87 -22.69
N LEU A 89 19.06 -8.85 -22.58
CA LEU A 89 18.20 -8.45 -23.70
C LEU A 89 19.00 -7.86 -24.86
N HIS A 90 19.93 -6.96 -24.54
CA HIS A 90 20.74 -6.33 -25.58
C HIS A 90 21.58 -7.34 -26.34
N ASP A 91 22.09 -8.34 -25.63
CA ASP A 91 22.88 -9.41 -26.26
C ASP A 91 22.04 -10.23 -27.25
N ARG A 92 20.72 -10.16 -27.09
CA ARG A 92 19.80 -10.93 -27.92
C ARG A 92 19.07 -10.05 -28.93
N GLY A 93 19.56 -8.82 -29.08
CA GLY A 93 19.05 -7.90 -30.09
C GLY A 93 17.77 -7.20 -29.72
N VAL A 94 17.46 -7.14 -28.43
CA VAL A 94 16.25 -6.49 -27.97
C VAL A 94 16.56 -5.11 -27.39
N SER A 95 16.02 -4.05 -27.98
CA SER A 95 16.21 -2.70 -27.45
C SER A 95 15.35 -2.42 -26.23
N THR A 96 15.82 -1.53 -25.36
CA THR A 96 15.10 -1.22 -24.12
C THR A 96 14.85 0.27 -23.93
N ASP A 97 14.88 1.02 -25.04
CA ASP A 97 14.59 2.45 -25.04
C ASP A 97 13.25 2.78 -24.40
N ASN A 98 12.35 1.80 -24.39
CA ASN A 98 10.99 1.98 -23.90
C ASN A 98 10.81 1.74 -22.41
N LEU A 99 11.90 1.40 -21.71
CA LEU A 99 11.86 1.21 -20.26
C LEU A 99 11.84 2.53 -19.51
N ARG A 100 11.03 2.59 -18.46
CA ARG A 100 11.01 3.74 -17.56
C ARG A 100 11.12 3.24 -16.13
N VAL A 101 12.09 3.78 -15.38
CA VAL A 101 12.33 3.34 -14.00
C VAL A 101 11.99 4.47 -13.02
N SER A 102 11.16 4.16 -12.02
CA SER A 102 10.73 5.19 -11.08
C SER A 102 11.90 5.79 -10.29
N ASN A 103 11.97 7.12 -10.26
CA ASN A 103 12.95 7.79 -9.41
C ASN A 103 12.72 7.59 -7.92
N ARG A 104 11.57 7.01 -7.56
CA ARG A 104 11.20 6.79 -6.17
C ARG A 104 11.20 5.31 -5.77
N ALA A 105 11.59 4.43 -6.70
CA ALA A 105 11.74 3.02 -6.33
C ALA A 105 12.91 2.87 -5.38
N HIS A 106 12.81 1.92 -4.45
CA HIS A 106 13.90 1.68 -3.50
C HIS A 106 14.99 0.76 -4.08
N VAL A 107 16.21 0.91 -3.57
CA VAL A 107 17.38 0.21 -4.10
C VAL A 107 17.82 -0.94 -3.18
N ILE A 108 17.98 -2.13 -3.76
CA ILE A 108 18.49 -3.28 -3.02
C ILE A 108 20.02 -3.33 -3.15
N LEU A 109 20.70 -3.35 -2.02
CA LEU A 109 22.15 -3.35 -1.98
C LEU A 109 22.65 -4.65 -1.36
N PRO A 110 23.96 -4.95 -1.45
CA PRO A 110 24.44 -6.25 -0.97
C PRO A 110 24.12 -6.55 0.49
N TYR A 111 24.04 -5.52 1.33
CA TYR A 111 23.70 -5.78 2.72
C TYR A 111 22.26 -6.28 2.92
N HIS A 112 21.38 -5.93 1.99
CA HIS A 112 20.02 -6.45 2.05
C HIS A 112 19.99 -7.95 1.81
N LEU A 113 20.83 -8.41 0.89
CA LEU A 113 20.89 -9.84 0.60
C LEU A 113 21.42 -10.60 1.81
N LYS A 114 22.47 -10.07 2.45
CA LYS A 114 23.01 -10.74 3.63
C LYS A 114 22.01 -10.71 4.77
N GLN A 115 21.36 -9.56 4.95
CA GLN A 115 20.36 -9.43 6.01
C GLN A 115 19.22 -10.45 5.86
N ASP A 116 18.79 -10.67 4.63
CA ASP A 116 17.73 -11.64 4.31
C ASP A 116 18.15 -13.03 4.79
N GLU A 117 19.38 -13.43 4.45
CA GLU A 117 19.92 -14.71 4.86
C GLU A 117 20.03 -14.82 6.38
N LEU A 118 20.55 -13.76 7.02
CA LEU A 118 20.72 -13.77 8.48
C LEU A 118 19.37 -13.85 9.21
N GLU A 119 18.40 -13.08 8.75
CA GLU A 119 17.07 -13.07 9.37
C GLU A 119 16.47 -14.46 9.28
N GLU A 120 16.58 -15.06 8.09
CA GLU A 120 16.07 -16.41 7.89
C GLU A 120 16.71 -17.41 8.84
N ALA A 121 18.03 -17.36 8.98
CA ALA A 121 18.72 -18.24 9.91
C ALA A 121 18.24 -18.03 11.35
N SER A 122 18.06 -16.78 11.74
CA SER A 122 17.66 -16.44 13.11
C SER A 122 16.27 -16.99 13.47
N LYS A 123 15.47 -17.29 12.45
CA LYS A 123 14.10 -17.74 12.67
C LYS A 123 13.99 -19.25 12.83
N GLY A 124 15.09 -19.95 12.57
CA GLY A 124 15.12 -21.39 12.75
C GLY A 124 14.02 -22.06 11.97
N ASP A 125 13.26 -22.92 12.63
CA ASP A 125 12.16 -23.66 12.00
C ASP A 125 11.00 -22.77 11.57
N ASN A 126 11.01 -21.52 12.01
CA ASN A 126 9.95 -20.58 11.66
C ASN A 126 10.34 -19.69 10.49
N LYS A 127 11.36 -20.10 9.73
CA LYS A 127 11.80 -19.28 8.60
C LYS A 127 10.67 -19.18 7.58
N ILE A 128 10.69 -18.09 6.83
CA ILE A 128 9.65 -17.79 5.86
C ILE A 128 9.88 -18.56 4.56
N GLY A 129 11.14 -18.85 4.27
CA GLY A 129 11.50 -19.46 2.99
C GLY A 129 11.49 -18.41 1.89
N THR A 130 12.19 -17.31 2.14
CA THR A 130 12.23 -16.19 1.18
C THR A 130 13.07 -16.57 -0.05
N THR A 131 13.00 -15.74 -1.07
CA THR A 131 13.75 -16.00 -2.30
C THR A 131 15.21 -15.59 -2.17
N LYS A 132 15.59 -15.05 -1.01
CA LYS A 132 16.98 -14.70 -0.70
C LYS A 132 17.51 -13.58 -1.56
N LYS A 133 16.62 -12.69 -2.02
CA LYS A 133 17.00 -11.62 -2.93
C LYS A 133 17.01 -10.26 -2.26
N GLY A 134 16.85 -10.24 -0.94
CA GLY A 134 16.94 -9.00 -0.19
C GLY A 134 15.66 -8.17 -0.20
N ILE A 135 14.56 -8.80 -0.63
CA ILE A 135 13.28 -8.10 -0.78
C ILE A 135 12.76 -7.53 0.54
N GLY A 136 12.63 -8.40 1.53
CA GLY A 136 12.12 -8.02 2.84
C GLY A 136 12.96 -6.92 3.48
N PRO A 137 14.28 -7.15 3.61
CA PRO A 137 15.10 -6.08 4.20
C PRO A 137 14.99 -4.73 3.49
N ALA A 138 14.83 -4.73 2.16
CA ALA A 138 14.70 -3.45 1.46
C ALA A 138 13.39 -2.75 1.80
N TYR A 139 12.30 -3.53 1.90
CA TYR A 139 11.03 -2.97 2.33
C TYR A 139 11.05 -2.51 3.79
N ASP A 141 13.78 -1.22 5.27
CA ASP A 141 14.49 0.06 5.24
C ASP A 141 13.59 1.16 4.70
N LYS A 142 12.71 0.83 3.78
CA LYS A 142 11.73 1.82 3.31
C LYS A 142 10.84 2.30 4.44
N ALA A 143 10.23 1.37 5.17
CA ALA A 143 9.37 1.73 6.29
C ALA A 143 10.17 2.49 7.36
N ALA A 144 11.45 2.13 7.50
CA ALA A 144 12.31 2.82 8.47
C ALA A 144 12.69 4.22 8.00
N ARG A 145 12.47 4.49 6.71
CA ARG A 145 12.86 5.78 6.09
C ARG A 145 14.38 6.01 6.06
N ILE A 146 15.14 4.92 5.98
CA ILE A 146 16.59 5.02 5.80
C ILE A 146 16.98 4.45 4.44
N GLY A 147 16.00 3.91 3.72
CA GLY A 147 16.26 3.29 2.43
C GLY A 147 16.75 4.29 1.41
N ILE A 148 17.56 3.80 0.48
CA ILE A 148 18.12 4.60 -0.62
C ILE A 148 17.22 4.39 -1.83
N ARG A 149 16.80 5.47 -2.50
CA ARG A 149 15.93 5.34 -3.66
C ARG A 149 16.71 5.60 -4.93
N ALA A 151 16.56 7.92 -7.07
CA ALA A 151 17.00 9.32 -7.16
C ALA A 151 18.28 9.57 -6.36
N ASP A 152 18.39 8.91 -5.22
CA ASP A 152 19.59 9.00 -4.38
C ASP A 152 20.80 8.32 -5.02
N LEU A 153 20.57 7.15 -5.61
CA LEU A 153 21.63 6.38 -6.24
C LEU A 153 22.30 7.20 -7.34
N LEU A 154 21.50 8.05 -8.00
CA LEU A 154 21.99 8.84 -9.12
C LEU A 154 22.80 10.07 -8.69
N ASP A 155 22.75 10.39 -7.39
CA ASP A 155 23.41 11.56 -6.83
C ASP A 155 24.65 11.06 -6.11
N ARG A 156 25.81 11.24 -6.75
CA ARG A 156 27.05 10.64 -6.25
C ARG A 156 27.36 10.92 -4.78
N GLU A 157 27.36 12.18 -4.39
CA GLU A 157 27.68 12.53 -3.01
C GLU A 157 26.61 12.06 -2.02
N ALA A 158 25.35 12.17 -2.40
CA ALA A 158 24.24 11.75 -1.54
C ALA A 158 24.23 10.24 -1.36
N PHE A 159 24.52 9.51 -2.43
CA PHE A 159 24.61 8.07 -2.34
C PHE A 159 25.74 7.66 -1.39
N LYS A 160 26.90 8.30 -1.53
CA LYS A 160 28.04 7.97 -0.68
C LYS A 160 27.71 8.24 0.80
N GLU A 161 27.05 9.37 1.07
CA GLU A 161 26.67 9.72 2.43
C GLU A 161 25.67 8.74 3.03
N LYS A 162 24.67 8.33 2.25
CA LYS A 162 23.67 7.40 2.74
C LYS A 162 24.24 6.01 2.95
N LEU A 163 25.16 5.62 2.07
CA LEU A 163 25.87 4.34 2.22
C LEU A 163 26.65 4.33 3.52
N GLU A 164 27.37 5.41 3.78
CA GLU A 164 28.13 5.54 5.02
C GLU A 164 27.23 5.45 6.25
N GLN A 165 26.13 6.19 6.24
CA GLN A 165 25.16 6.17 7.32
C GLN A 165 24.56 4.79 7.50
N ASN A 166 24.11 4.21 6.41
CA ASN A 166 23.43 2.92 6.49
C ASN A 166 24.38 1.77 6.85
N LEU A 167 25.60 1.81 6.33
CA LEU A 167 26.57 0.76 6.65
C LEU A 167 27.02 0.84 8.09
N ALA A 168 27.16 2.04 8.63
CA ALA A 168 27.49 2.21 10.04
C ALA A 168 26.44 1.50 10.90
N GLN A 169 25.18 1.68 10.55
CA GLN A 169 24.10 1.02 11.26
C GLN A 169 24.05 -0.49 10.99
N LYS A 170 24.07 -0.87 9.70
CA LYS A 170 23.98 -2.29 9.33
C LYS A 170 25.16 -3.11 9.84
N ASN A 171 26.36 -2.53 9.78
CA ASN A 171 27.53 -3.26 10.25
C ASN A 171 27.44 -3.55 11.75
N ARG A 172 26.93 -2.58 12.50
CA ARG A 172 26.74 -2.76 13.93
C ARG A 172 25.61 -3.75 14.18
N LEU A 173 24.59 -3.71 13.33
CA LEU A 173 23.51 -4.67 13.40
C LEU A 173 24.01 -6.11 13.18
N PHE A 174 24.80 -6.32 12.13
CA PHE A 174 25.28 -7.66 11.81
C PHE A 174 26.19 -8.17 12.93
N GLU A 175 27.07 -7.31 13.42
CA GLU A 175 27.97 -7.67 14.51
C GLU A 175 27.21 -8.05 15.78
N LYS A 176 26.32 -7.19 16.23
CA LYS A 176 25.66 -7.34 17.54
C LYS A 176 24.51 -8.35 17.55
N TYR A 178 23.79 -10.61 14.90
CA TYR A 178 24.01 -11.82 14.12
C TYR A 178 25.41 -12.40 14.19
N ASP A 179 26.27 -11.77 14.99
CA ASP A 179 27.64 -12.25 15.19
C ASP A 179 28.38 -12.46 13.86
N THR A 180 28.26 -11.50 12.97
CA THR A 180 28.87 -11.62 11.64
C THR A 180 29.32 -10.27 11.10
N GLU A 181 30.24 -10.32 10.13
CA GLU A 181 30.77 -9.10 9.54
C GLU A 181 29.81 -8.49 8.51
N GLY A 182 30.01 -7.20 8.22
CA GLY A 182 29.21 -6.51 7.23
C GLY A 182 30.01 -6.15 5.99
N PHE A 183 29.93 -4.90 5.57
CA PHE A 183 30.55 -4.45 4.32
C PHE A 183 31.24 -3.10 4.53
N SER A 184 32.35 -2.90 3.83
CA SER A 184 32.95 -1.56 3.80
C SER A 184 32.24 -0.73 2.73
N VAL A 185 32.34 0.59 2.85
CA VAL A 185 31.76 1.50 1.87
C VAL A 185 32.41 1.25 0.52
N ASP A 186 33.72 1.02 0.54
CA ASP A 186 34.50 0.73 -0.66
C ASP A 186 33.98 -0.46 -1.46
N GLU A 187 33.51 -1.50 -0.75
CA GLU A 187 33.02 -2.72 -1.40
C GLU A 187 31.80 -2.49 -2.25
N ILE A 188 31.07 -1.42 -1.98
CA ILE A 188 29.77 -1.20 -2.57
C ILE A 188 29.68 0.07 -3.41
N PHE A 189 30.35 1.13 -2.97
CA PHE A 189 30.13 2.47 -3.53
C PHE A 189 30.32 2.61 -5.04
N GLU A 190 31.57 2.51 -5.50
CA GLU A 190 31.83 2.71 -6.93
C GLU A 190 31.09 1.72 -7.82
N GLU A 191 31.03 0.46 -7.39
CA GLU A 191 30.36 -0.58 -8.18
C GLU A 191 28.89 -0.26 -8.40
N TYR A 192 28.18 0.05 -7.31
CA TYR A 192 26.77 0.32 -7.42
C TYR A 192 26.45 1.72 -7.96
N PHE A 193 27.31 2.69 -7.69
CA PHE A 193 27.11 4.01 -8.29
C PHE A 193 27.18 3.89 -9.82
N GLU A 194 28.13 3.10 -10.30
CA GLU A 194 28.26 2.86 -11.73
C GLU A 194 27.04 2.15 -12.32
N TYR A 195 26.46 1.19 -11.58
CA TYR A 195 25.22 0.56 -12.03
C TYR A 195 24.14 1.62 -12.21
N GLY A 196 24.01 2.51 -11.23
CA GLY A 196 23.05 3.59 -11.32
C GLY A 196 23.27 4.47 -12.54
N GLN A 197 24.52 4.75 -12.86
CA GLN A 197 24.83 5.60 -14.01
C GLN A 197 24.36 4.97 -15.32
N GLN A 198 24.36 3.64 -15.37
CA GLN A 198 23.94 2.92 -16.58
C GLN A 198 22.42 2.79 -16.68
N ILE A 199 21.75 2.94 -15.54
CA ILE A 199 20.30 2.89 -15.46
C ILE A 199 19.68 4.30 -15.62
N ALA A 200 20.47 5.32 -15.33
CA ALA A 200 19.99 6.71 -15.22
C ALA A 200 19.15 7.18 -16.41
N GLN A 201 19.49 6.72 -17.60
CA GLN A 201 18.76 7.10 -18.82
C GLN A 201 17.27 6.75 -18.75
N TYR A 202 16.91 5.80 -17.90
CA TYR A 202 15.52 5.36 -17.80
C TYR A 202 14.78 5.99 -16.62
N VAL A 203 15.50 6.68 -15.75
CA VAL A 203 14.90 7.13 -14.50
C VAL A 203 14.08 8.41 -14.67
N CYS A 204 12.84 8.38 -14.18
CA CYS A 204 11.93 9.50 -14.34
C CYS A 204 10.76 9.37 -13.37
N ASP A 205 9.83 10.32 -13.42
CA ASP A 205 8.61 10.23 -12.62
C ASP A 205 7.64 9.31 -13.34
N THR A 206 7.49 8.08 -12.84
CA THR A 206 6.66 7.11 -13.52
C THR A 206 5.16 7.33 -13.29
N SER A 207 4.81 8.10 -12.27
CA SER A 207 3.41 8.46 -12.06
C SER A 207 2.96 9.38 -13.18
N VAL A 208 3.85 10.28 -13.61
CA VAL A 208 3.55 11.16 -14.74
C VAL A 208 3.38 10.34 -16.01
N VAL A 209 4.27 9.38 -16.21
CA VAL A 209 4.18 8.50 -17.38
C VAL A 209 2.83 7.77 -17.45
N LEU A 210 2.43 7.19 -16.33
CA LEU A 210 1.21 6.40 -16.29
C LEU A 210 -0.05 7.25 -16.41
N ASN A 211 -0.09 8.38 -15.71
CA ASN A 211 -1.27 9.24 -15.79
C ASN A 211 -1.41 9.96 -17.13
N ASP A 212 -0.30 10.28 -17.77
CA ASP A 212 -0.35 10.82 -19.13
C ASP A 212 -0.98 9.81 -20.09
N ALA A 213 -0.61 8.54 -19.95
CA ALA A 213 -1.20 7.48 -20.76
C ALA A 213 -2.69 7.31 -20.49
N LEU A 214 -3.05 7.20 -19.22
CA LEU A 214 -4.43 7.02 -18.79
C LEU A 214 -5.30 8.19 -19.25
N ASP A 215 -4.82 9.40 -19.00
CA ASP A 215 -5.61 10.58 -19.32
C ASP A 215 -5.73 10.82 -20.82
N ASN A 216 -4.92 10.11 -21.60
CA ASN A 216 -4.99 10.23 -23.06
C ASN A 216 -5.55 8.98 -23.73
N ASN A 217 -6.27 8.18 -22.96
CA ASN A 217 -6.96 6.98 -23.43
C ASN A 217 -6.05 5.93 -24.04
N HIS A 218 -4.84 5.82 -23.52
CA HIS A 218 -3.95 4.73 -23.90
C HIS A 218 -4.24 3.55 -23.00
N ARG A 219 -4.23 2.35 -23.57
CA ARG A 219 -4.48 1.14 -22.81
C ARG A 219 -3.29 0.83 -21.93
N VAL A 220 -3.55 0.63 -20.64
CA VAL A 220 -2.50 0.35 -19.67
C VAL A 220 -2.74 -1.04 -19.06
N LEU A 221 -1.65 -1.80 -18.89
CA LEU A 221 -1.73 -3.12 -18.29
C LEU A 221 -0.80 -3.13 -17.10
N PHE A 222 -1.35 -3.44 -15.92
CA PHE A 222 -0.53 -3.57 -14.73
C PHE A 222 -0.23 -5.03 -14.46
N GLU A 223 1.04 -5.33 -14.24
CA GLU A 223 1.51 -6.70 -14.17
C GLU A 223 1.84 -7.04 -12.72
N GLY A 224 1.02 -7.88 -12.11
CA GLY A 224 1.26 -8.27 -10.73
C GLY A 224 2.34 -9.32 -10.61
N ALA A 225 2.99 -9.35 -9.46
CA ALA A 225 3.94 -10.41 -9.14
C ALA A 225 3.42 -11.08 -7.89
N GLN A 226 3.96 -12.24 -7.54
CA GLN A 226 3.43 -13.02 -6.43
C GLN A 226 1.92 -13.21 -6.56
N GLY A 227 1.18 -13.19 -5.45
CA GLY A 227 -0.24 -13.47 -5.52
C GLY A 227 -0.91 -13.04 -4.24
N VAL A 228 -2.24 -13.03 -4.21
CA VAL A 228 -2.97 -12.53 -3.04
C VAL A 228 -2.58 -13.21 -1.72
N LEU A 230 0.18 -14.26 -0.81
CA LEU A 230 1.49 -13.75 -0.36
C LEU A 230 1.44 -12.26 -0.01
N ASP A 231 0.25 -11.66 -0.04
CA ASP A 231 0.12 -10.22 0.27
C ASP A 231 0.46 -9.91 1.72
N ILE A 232 1.25 -8.86 1.95
CA ILE A 232 1.71 -8.51 3.30
C ILE A 232 0.55 -8.26 4.26
N ASP A 233 -0.57 -7.74 3.73
CA ASP A 233 -1.77 -7.50 4.53
C ASP A 233 -2.72 -8.67 4.49
N HIS A 234 -2.98 -9.18 3.29
CA HIS A 234 -4.13 -10.09 3.11
C HIS A 234 -3.76 -11.55 2.92
N GLY A 235 -2.46 -11.84 2.90
CA GLY A 235 -2.00 -13.21 2.67
C GLY A 235 -1.81 -13.99 3.97
N THR A 236 -1.11 -15.13 3.88
CA THR A 236 -0.93 -15.99 5.05
C THR A 236 0.22 -15.49 5.92
N TYR A 237 0.04 -14.30 6.49
CA TYR A 237 1.07 -13.63 7.28
C TYR A 237 1.49 -14.50 8.47
N PRO A 238 2.81 -14.58 8.75
CA PRO A 238 3.95 -13.85 8.20
C PRO A 238 4.59 -14.53 6.98
N PHE A 239 3.98 -15.62 6.51
CA PHE A 239 4.51 -16.35 5.36
C PHE A 239 4.03 -15.71 4.07
N VAL A 240 4.60 -14.53 3.80
CA VAL A 240 4.13 -13.65 2.74
C VAL A 240 5.33 -12.88 2.22
N THR A 241 5.14 -12.14 1.13
CA THR A 241 6.17 -11.21 0.68
C THR A 241 5.84 -9.83 1.26
N SER A 242 6.80 -8.92 1.27
CA SER A 242 6.62 -7.67 2.00
C SER A 242 6.04 -6.54 1.15
N SER A 243 5.11 -6.88 0.28
CA SER A 243 4.45 -5.87 -0.54
C SER A 243 3.02 -6.30 -0.81
N ASN A 244 2.30 -5.51 -1.61
CA ASN A 244 0.89 -5.79 -1.91
C ASN A 244 0.64 -6.22 -3.35
N PRO A 245 0.69 -7.54 -3.62
CA PRO A 245 0.36 -8.04 -4.96
C PRO A 245 -1.10 -7.84 -5.36
N ILE A 246 -2.00 -7.53 -4.42
CA ILE A 246 -3.41 -7.33 -4.78
C ILE A 246 -3.53 -6.17 -5.75
N ALA A 247 -4.67 -6.07 -6.42
CA ALA A 247 -4.85 -5.04 -7.44
C ALA A 247 -4.70 -3.65 -6.85
N GLY A 248 -5.07 -3.50 -5.58
CA GLY A 248 -4.91 -2.21 -4.92
C GLY A 248 -3.47 -1.71 -4.89
N GLY A 249 -2.52 -2.64 -4.97
CA GLY A 249 -1.11 -2.28 -5.00
C GLY A 249 -0.72 -1.39 -6.15
N VAL A 250 -1.49 -1.41 -7.23
N VAL A 250 -1.50 -1.44 -7.21
CA VAL A 250 -1.16 -0.56 -8.38
CA VAL A 250 -1.28 -0.60 -8.39
C VAL A 250 -1.30 0.93 -8.03
C VAL A 250 -1.33 0.88 -8.04
N THR A 251 -2.22 1.25 -7.13
CA THR A 251 -2.47 2.65 -6.82
C THR A 251 -1.28 3.24 -6.08
N VAL A 252 -0.91 2.62 -4.97
CA VAL A 252 0.20 3.12 -4.17
C VAL A 252 1.53 2.88 -4.89
N GLY A 253 1.62 1.77 -5.63
CA GLY A 253 2.87 1.37 -6.27
C GLY A 253 3.24 2.07 -7.56
N THR A 254 2.30 2.80 -8.15
CA THR A 254 2.62 3.58 -9.35
C THR A 254 2.13 5.03 -9.25
N GLY A 255 1.38 5.34 -8.20
CA GLY A 255 0.90 6.71 -8.05
C GLY A 255 -0.27 7.01 -8.97
N VAL A 256 -1.26 6.12 -8.97
N VAL A 256 -1.29 6.17 -8.85
CA VAL A 256 -2.50 6.38 -9.69
CA VAL A 256 -2.48 6.28 -9.67
C VAL A 256 -3.69 6.27 -8.75
C VAL A 256 -3.72 6.21 -8.78
N GLY A 257 -4.71 7.07 -9.00
CA GLY A 257 -5.93 7.06 -8.19
C GLY A 257 -6.66 5.75 -8.40
N PRO A 258 -7.43 5.30 -7.39
CA PRO A 258 -8.11 4.00 -7.47
C PRO A 258 -9.11 3.86 -8.62
N ALA A 259 -9.87 4.90 -8.91
CA ALA A 259 -10.89 4.82 -9.96
C ALA A 259 -10.29 4.77 -11.38
N LYS A 260 -8.96 4.70 -11.47
CA LYS A 260 -8.29 4.64 -12.76
C LYS A 260 -8.09 3.22 -13.27
N VAL A 261 -8.46 2.24 -12.45
CA VAL A 261 -8.41 0.82 -12.85
C VAL A 261 -9.80 0.37 -13.27
N THR A 262 -9.91 -0.25 -14.45
CA THR A 262 -11.22 -0.63 -15.00
C THR A 262 -11.51 -2.13 -14.95
N ARG A 263 -10.47 -2.94 -14.85
CA ARG A 263 -10.64 -4.39 -14.87
C ARG A 263 -9.52 -5.07 -14.10
N VAL A 264 -9.87 -6.09 -13.33
CA VAL A 264 -8.88 -6.87 -12.60
C VAL A 264 -9.08 -8.32 -12.97
N VAL A 265 -8.07 -8.90 -13.63
CA VAL A 265 -8.10 -10.31 -14.00
C VAL A 265 -7.37 -11.13 -12.95
N GLY A 266 -8.11 -11.99 -12.24
CA GLY A 266 -7.49 -12.88 -11.28
C GLY A 266 -7.01 -14.12 -12.01
N VAL A 267 -5.78 -14.53 -11.74
CA VAL A 267 -5.24 -15.71 -12.38
C VAL A 267 -5.05 -16.80 -11.35
N CYS A 268 -5.57 -17.98 -11.64
CA CYS A 268 -5.33 -19.11 -10.76
C CYS A 268 -5.02 -20.34 -11.57
N LYS A 269 -4.28 -21.26 -10.96
CA LYS A 269 -4.04 -22.55 -11.56
CA LYS A 269 -4.02 -22.55 -11.56
C LYS A 269 -5.15 -23.49 -11.16
N ALA A 270 -5.34 -24.56 -11.93
CA ALA A 270 -6.39 -25.53 -11.63
C ALA A 270 -6.08 -26.34 -10.37
N TYR A 271 -4.86 -26.19 -9.86
CA TYR A 271 -4.45 -26.74 -8.57
C TYR A 271 -3.67 -25.64 -7.87
N THR A 272 -3.20 -25.87 -6.64
CA THR A 272 -2.49 -24.83 -5.90
C THR A 272 -1.03 -25.19 -5.69
N SER A 273 -0.19 -24.18 -5.49
CA SER A 273 1.22 -24.43 -5.21
C SER A 273 1.79 -23.35 -4.28
N ARG A 274 2.80 -23.72 -3.50
CA ARG A 274 3.61 -22.77 -2.73
C ARG A 274 5.07 -23.05 -2.97
N VAL A 275 5.87 -22.00 -3.12
CA VAL A 275 7.32 -22.17 -3.21
C VAL A 275 7.96 -22.21 -1.83
N GLY A 276 7.54 -21.30 -0.95
CA GLY A 276 8.15 -21.15 0.36
C GLY A 276 7.42 -21.88 1.48
N ASP A 277 7.73 -21.51 2.72
CA ASP A 277 7.16 -22.17 3.89
C ASP A 277 5.81 -21.58 4.29
N GLY A 278 5.14 -22.21 5.25
CA GLY A 278 3.88 -21.67 5.72
C GLY A 278 2.67 -22.57 5.45
N PRO A 279 1.52 -22.19 6.00
CA PRO A 279 0.32 -23.04 5.91
C PRO A 279 -0.14 -23.22 4.47
N PHE A 280 -0.81 -24.32 4.21
CA PHE A 280 -1.17 -24.68 2.86
C PHE A 280 -2.20 -25.78 3.03
N PRO A 281 -3.47 -25.38 3.28
CA PRO A 281 -4.50 -26.33 3.73
C PRO A 281 -4.71 -27.51 2.78
N THR A 282 -4.62 -27.27 1.47
CA THR A 282 -4.94 -28.33 0.50
C THR A 282 -3.72 -29.12 0.03
N GLU A 283 -2.58 -28.90 0.70
CA GLU A 283 -1.32 -29.53 0.31
C GLU A 283 -1.42 -31.04 0.19
N LEU A 284 -0.81 -31.57 -0.86
CA LEU A 284 -0.78 -33.01 -1.12
C LEU A 284 0.60 -33.60 -0.84
N HIS A 285 0.64 -34.74 -0.16
CA HIS A 285 1.89 -35.44 0.11
C HIS A 285 1.81 -36.87 -0.40
N ASP A 286 1.00 -37.08 -1.43
CA ASP A 286 0.79 -38.42 -1.94
C ASP A 286 1.16 -38.55 -3.40
N GLU A 287 0.75 -39.66 -4.01
CA GLU A 287 1.04 -39.93 -5.40
C GLU A 287 0.42 -38.90 -6.33
N ILE A 288 -0.75 -38.39 -5.94
CA ILE A 288 -1.45 -37.41 -6.75
C ILE A 288 -0.65 -36.11 -6.74
N GLY A 289 -0.12 -35.77 -5.58
CA GLY A 289 0.72 -34.59 -5.45
C GLY A 289 1.92 -34.65 -6.36
N HIS A 290 2.57 -35.80 -6.41
CA HIS A 290 3.73 -35.92 -7.28
C HIS A 290 3.39 -35.80 -8.76
N GLN A 291 2.29 -36.45 -9.17
CA GLN A 291 1.86 -36.36 -10.56
C GLN A 291 1.62 -34.91 -10.98
N ILE A 292 0.94 -34.16 -10.12
CA ILE A 292 0.70 -32.75 -10.38
C ILE A 292 2.01 -31.96 -10.51
N ARG A 293 2.93 -32.18 -9.57
CA ARG A 293 4.22 -31.48 -9.61
C ARG A 293 5.01 -31.85 -10.85
N GLU A 294 4.98 -33.14 -11.21
CA GLU A 294 5.70 -33.63 -12.37
C GLU A 294 5.15 -33.07 -13.68
N VAL A 295 3.84 -33.24 -13.89
CA VAL A 295 3.20 -32.79 -15.13
C VAL A 295 3.19 -31.26 -15.22
N GLY A 296 3.02 -30.61 -14.08
CA GLY A 296 2.97 -29.16 -14.03
C GLY A 296 4.35 -28.53 -14.01
N ARG A 297 5.38 -29.36 -13.99
CA ARG A 297 6.78 -28.90 -13.93
C ARG A 297 6.98 -27.91 -12.77
N GLU A 298 6.48 -28.28 -11.60
CA GLU A 298 6.52 -27.38 -10.46
C GLU A 298 7.84 -27.50 -9.71
N TYR A 299 8.89 -26.98 -10.32
CA TYR A 299 10.23 -26.99 -9.72
C TYR A 299 10.88 -25.63 -9.92
N GLY A 300 11.74 -25.23 -8.98
CA GLY A 300 12.53 -24.03 -9.14
C GLY A 300 13.24 -24.01 -10.47
N THR A 301 13.06 -22.93 -11.21
CA THR A 301 13.58 -22.82 -12.57
C THR A 301 15.10 -22.86 -12.61
N THR A 302 15.73 -22.46 -11.50
CA THR A 302 17.18 -22.35 -11.42
C THR A 302 17.81 -23.45 -10.56
N THR A 303 17.15 -23.77 -9.44
CA THR A 303 17.67 -24.74 -8.49
C THR A 303 17.09 -26.15 -8.71
N GLY A 304 15.94 -26.23 -9.39
CA GLY A 304 15.27 -27.49 -9.55
C GLY A 304 14.57 -27.93 -8.28
N ARG A 305 14.53 -27.04 -7.29
CA ARG A 305 13.89 -27.34 -6.02
C ARG A 305 12.38 -27.54 -6.24
N PRO A 306 11.82 -28.64 -5.72
CA PRO A 306 10.41 -28.95 -5.92
C PRO A 306 9.51 -27.98 -5.15
N ARG A 307 8.38 -27.63 -5.75
CA ARG A 307 7.40 -26.81 -5.08
C ARG A 307 6.35 -27.67 -4.37
N ARG A 308 5.74 -27.11 -3.33
CA ARG A 308 4.62 -27.77 -2.67
C ARG A 308 3.40 -27.61 -3.57
N VAL A 309 2.62 -28.67 -3.74
CA VAL A 309 1.39 -28.56 -4.52
C VAL A 309 0.18 -29.12 -3.75
N GLY A 310 -1.01 -28.74 -4.18
CA GLY A 310 -2.23 -29.20 -3.52
C GLY A 310 -3.47 -29.03 -4.38
N TRP A 311 -4.62 -29.48 -3.88
CA TRP A 311 -5.86 -29.33 -4.65
C TRP A 311 -6.23 -27.87 -4.80
N PHE A 312 -7.09 -27.58 -5.78
CA PHE A 312 -7.67 -26.23 -5.90
C PHE A 312 -8.36 -25.83 -4.60
N ASP A 313 -8.12 -24.60 -4.17
CA ASP A 313 -8.66 -24.09 -2.91
C ASP A 313 -9.58 -22.91 -3.22
N SER A 314 -10.89 -23.12 -3.16
CA SER A 314 -11.84 -22.07 -3.51
C SER A 314 -12.03 -21.05 -2.37
N VAL A 315 -11.62 -21.41 -1.15
CA VAL A 315 -11.70 -20.46 -0.04
C VAL A 315 -10.73 -19.32 -0.31
N VAL A 316 -9.54 -19.70 -0.75
CA VAL A 316 -8.47 -18.77 -1.07
C VAL A 316 -8.91 -17.84 -2.21
N VAL A 317 -9.54 -18.39 -3.24
CA VAL A 317 -9.89 -17.59 -4.41
C VAL A 317 -11.07 -16.67 -4.11
N ARG A 318 -12.02 -17.13 -3.30
CA ARG A 318 -13.08 -16.21 -2.87
C ARG A 318 -12.52 -15.09 -1.99
N HIS A 319 -11.48 -15.38 -1.23
CA HIS A 319 -10.82 -14.35 -0.41
C HIS A 319 -10.22 -13.31 -1.36
N ALA A 320 -9.50 -13.79 -2.38
CA ALA A 320 -8.89 -12.93 -3.40
C ALA A 320 -9.92 -12.08 -4.14
N ARG A 321 -11.07 -12.68 -4.45
CA ARG A 321 -12.13 -11.98 -5.17
C ARG A 321 -12.49 -10.69 -4.43
N ARG A 322 -12.60 -10.81 -3.11
CA ARG A 322 -12.98 -9.68 -2.29
C ARG A 322 -11.84 -8.68 -2.15
N VAL A 323 -10.67 -9.14 -1.67
CA VAL A 323 -9.64 -8.17 -1.29
C VAL A 323 -8.95 -7.54 -2.49
N SER A 324 -9.03 -8.20 -3.65
CA SER A 324 -8.43 -7.64 -4.86
C SER A 324 -9.45 -7.16 -5.89
N GLY A 325 -10.73 -7.26 -5.57
CA GLY A 325 -11.80 -6.79 -6.45
C GLY A 325 -11.74 -7.42 -7.83
N LEU A 326 -11.60 -8.75 -7.88
CA LEU A 326 -11.54 -9.46 -9.16
C LEU A 326 -12.79 -9.25 -10.01
N THR A 327 -12.57 -8.96 -11.30
CA THR A 327 -13.64 -8.75 -12.25
CA THR A 327 -13.66 -8.77 -12.26
C THR A 327 -13.88 -10.04 -13.05
N ASP A 328 -12.79 -10.74 -13.32
CA ASP A 328 -12.73 -11.91 -14.21
CA ASP A 328 -12.91 -12.02 -14.00
C ASP A 328 -11.73 -12.93 -13.66
N LEU A 329 -11.85 -14.18 -14.10
CA LEU A 329 -10.87 -15.20 -13.70
C LEU A 329 -10.26 -15.91 -14.91
N SER A 330 -8.95 -16.13 -14.86
CA SER A 330 -8.29 -17.02 -15.83
C SER A 330 -7.87 -18.28 -15.10
N LEU A 331 -8.21 -19.43 -15.67
CA LEU A 331 -7.93 -20.71 -15.04
C LEU A 331 -6.88 -21.46 -15.86
N ASN A 332 -5.69 -21.61 -15.29
CA ASN A 332 -4.54 -22.17 -16.00
C ASN A 332 -4.25 -23.62 -15.65
N SER A 333 -3.55 -24.29 -16.57
CA SER A 333 -2.94 -25.60 -16.31
C SER A 333 -3.96 -26.68 -16.02
N ILE A 334 -5.11 -26.60 -16.66
CA ILE A 334 -6.15 -27.60 -16.47
C ILE A 334 -5.65 -28.96 -16.90
N ASP A 335 -4.79 -28.97 -17.91
CA ASP A 335 -4.24 -30.22 -18.44
C ASP A 335 -3.45 -31.02 -17.39
N VAL A 336 -2.96 -30.34 -16.35
CA VAL A 336 -2.13 -31.01 -15.35
C VAL A 336 -2.96 -32.04 -14.54
N LEU A 337 -4.27 -31.85 -14.49
CA LEU A 337 -5.14 -32.74 -13.73
C LEU A 337 -5.58 -33.98 -14.49
N THR A 338 -5.10 -34.13 -15.72
CA THR A 338 -5.43 -35.29 -16.56
C THR A 338 -4.95 -36.59 -15.92
N GLY A 339 -5.80 -37.61 -15.92
CA GLY A 339 -5.39 -38.93 -15.47
C GLY A 339 -5.49 -39.15 -13.98
N ILE A 340 -6.21 -38.25 -13.29
CA ILE A 340 -6.50 -38.43 -11.87
C ILE A 340 -7.99 -38.79 -11.75
N PRO A 341 -8.28 -40.04 -11.32
CA PRO A 341 -9.64 -40.58 -11.34
C PRO A 341 -10.64 -39.76 -10.53
N THR A 342 -10.24 -39.29 -9.35
CA THR A 342 -11.11 -38.47 -8.52
C THR A 342 -10.44 -37.16 -8.19
N LEU A 343 -11.03 -36.06 -8.66
CA LEU A 343 -10.51 -34.73 -8.38
C LEU A 343 -11.21 -34.17 -7.16
N LYS A 344 -10.55 -33.23 -6.49
CA LYS A 344 -11.15 -32.60 -5.32
C LYS A 344 -10.98 -31.08 -5.39
N ILE A 345 -12.02 -30.37 -4.98
CA ILE A 345 -11.93 -28.93 -4.84
C ILE A 345 -12.29 -28.59 -3.41
N CYS A 346 -11.42 -27.83 -2.75
CA CYS A 346 -11.68 -27.40 -1.39
C CYS A 346 -12.71 -26.28 -1.41
N VAL A 347 -13.80 -26.45 -0.67
CA VAL A 347 -14.87 -25.46 -0.65
C VAL A 347 -15.00 -24.78 0.71
N ALA A 348 -14.32 -25.33 1.72
CA ALA A 348 -14.36 -24.79 3.07
C ALA A 348 -13.24 -25.39 3.93
N TYR A 349 -13.02 -24.81 5.10
CA TYR A 349 -12.04 -25.33 6.03
C TYR A 349 -12.71 -25.90 7.28
N LYS A 350 -12.06 -26.87 7.89
CA LYS A 350 -12.49 -27.44 9.16
C LYS A 350 -11.42 -27.12 10.21
N CYS A 351 -11.83 -26.41 11.26
CA CYS A 351 -10.93 -26.13 12.37
C CYS A 351 -11.69 -26.41 13.66
N ASP A 352 -11.13 -27.25 14.51
CA ASP A 352 -11.82 -27.72 15.73
C ASP A 352 -13.13 -28.39 15.35
N GLY A 353 -13.15 -29.03 14.19
CA GLY A 353 -14.37 -29.62 13.67
C GLY A 353 -15.39 -28.59 13.22
N LYS A 354 -15.03 -27.32 13.28
CA LYS A 354 -15.92 -26.24 12.86
C LYS A 354 -15.64 -25.83 11.42
N VAL A 355 -16.70 -25.73 10.62
CA VAL A 355 -16.57 -25.46 9.20
C VAL A 355 -16.70 -23.97 8.89
N ILE A 356 -15.70 -23.41 8.23
CA ILE A 356 -15.65 -21.98 7.95
C ILE A 356 -15.37 -21.67 6.48
N ASP A 357 -15.95 -20.58 5.98
CA ASP A 357 -15.59 -20.07 4.66
C ASP A 357 -14.87 -18.75 4.82
N GLU A 358 -13.64 -18.83 5.26
CA GLU A 358 -12.79 -17.66 5.40
C GLU A 358 -11.39 -18.17 5.56
N VAL A 359 -10.42 -17.33 5.21
CA VAL A 359 -9.05 -17.59 5.62
C VAL A 359 -8.86 -16.86 6.94
N PRO A 360 -8.62 -17.62 8.03
CA PRO A 360 -8.39 -17.02 9.36
C PRO A 360 -7.14 -16.16 9.37
N ALA A 361 -7.18 -15.06 10.10
CA ALA A 361 -6.03 -14.15 10.22
C ALA A 361 -5.00 -14.74 11.19
N ASN A 362 -5.51 -15.50 12.15
CA ASN A 362 -4.67 -16.10 13.17
C ASN A 362 -3.93 -17.31 12.61
N LEU A 363 -2.60 -17.23 12.60
CA LEU A 363 -1.76 -18.31 12.06
C LEU A 363 -2.06 -19.66 12.71
N ASN A 364 -2.23 -19.66 14.03
CA ASN A 364 -2.55 -20.89 14.77
C ASN A 364 -3.82 -21.57 14.27
N ILE A 365 -4.85 -20.78 14.02
CA ILE A 365 -6.11 -21.29 13.49
C ILE A 365 -5.89 -21.78 12.06
N LEU A 366 -5.25 -20.95 11.23
CA LEU A 366 -4.98 -21.33 9.84
C LEU A 366 -4.15 -22.60 9.72
N ALA A 367 -3.16 -22.76 10.59
CA ALA A 367 -2.25 -23.91 10.55
C ALA A 367 -3.01 -25.19 10.86
N LYS A 368 -4.16 -25.06 11.50
CA LYS A 368 -4.97 -26.22 11.87
C LYS A 368 -6.14 -26.48 10.93
N CYS A 369 -6.34 -25.60 9.96
CA CYS A 369 -7.47 -25.75 9.05
C CYS A 369 -7.32 -26.97 8.15
N GLU A 370 -8.30 -27.86 8.20
CA GLU A 370 -8.35 -29.02 7.31
C GLU A 370 -9.31 -28.74 6.16
N PRO A 371 -8.96 -29.18 4.95
CA PRO A 371 -9.81 -28.84 3.81
C PRO A 371 -11.10 -29.66 3.79
N VAL A 372 -12.21 -29.00 3.46
CA VAL A 372 -13.48 -29.69 3.22
C VAL A 372 -13.66 -29.67 1.72
N CYS A 373 -13.80 -30.85 1.11
CA CYS A 373 -13.69 -30.96 -0.34
C CYS A 373 -14.92 -31.54 -1.00
N GLU A 374 -15.25 -31.03 -2.18
CA GLU A 374 -16.17 -31.72 -3.07
C GLU A 374 -15.33 -32.60 -3.99
N GLU A 375 -15.87 -33.77 -4.36
CA GLU A 375 -15.14 -34.69 -5.22
C GLU A 375 -15.79 -34.74 -6.60
N LEU A 376 -14.96 -34.69 -7.64
CA LEU A 376 -15.45 -34.76 -9.01
C LEU A 376 -14.70 -35.84 -9.79
N PRO A 377 -15.40 -36.51 -10.74
CA PRO A 377 -14.73 -37.51 -11.57
C PRO A 377 -13.76 -36.85 -12.54
N GLY A 378 -12.65 -37.51 -12.82
CA GLY A 378 -11.63 -36.96 -13.69
C GLY A 378 -11.75 -37.44 -15.12
N TRP A 379 -10.74 -37.13 -15.93
CA TRP A 379 -10.73 -37.53 -17.34
C TRP A 379 -9.39 -38.16 -17.66
N THR A 380 -9.31 -38.86 -18.79
CA THR A 380 -8.08 -39.55 -19.17
C THR A 380 -7.49 -38.98 -20.46
N GLU A 381 -8.30 -38.21 -21.18
CA GLU A 381 -7.93 -37.74 -22.52
C GLU A 381 -6.95 -36.60 -22.52
N ASP A 382 -6.16 -36.50 -23.59
CA ASP A 382 -5.25 -35.38 -23.79
C ASP A 382 -6.10 -34.16 -24.11
N ILE A 383 -6.01 -33.12 -23.28
CA ILE A 383 -6.76 -31.90 -23.54
C ILE A 383 -5.86 -30.73 -23.95
N THR A 384 -4.58 -31.01 -24.17
CA THR A 384 -3.61 -29.95 -24.50
C THR A 384 -3.86 -29.30 -25.86
N GLY A 385 -4.73 -29.91 -26.67
CA GLY A 385 -5.02 -29.38 -27.99
C GLY A 385 -6.30 -28.58 -28.15
N VAL A 386 -7.09 -28.44 -27.09
CA VAL A 386 -8.39 -27.78 -27.23
C VAL A 386 -8.28 -26.27 -27.30
N ARG A 387 -9.19 -25.65 -28.06
CA ARG A 387 -9.22 -24.20 -28.17
C ARG A 387 -10.43 -23.59 -27.46
N SER A 388 -11.37 -24.43 -27.04
CA SER A 388 -12.56 -23.92 -26.34
C SER A 388 -13.09 -24.94 -25.33
N LEU A 389 -13.91 -24.46 -24.39
CA LEU A 389 -14.45 -25.32 -23.34
C LEU A 389 -15.35 -26.44 -23.86
N ASP A 390 -16.08 -26.19 -24.94
CA ASP A 390 -16.97 -27.24 -25.46
C ASP A 390 -16.22 -28.36 -26.20
N GLU A 391 -14.90 -28.22 -26.31
CA GLU A 391 -14.08 -29.26 -26.95
C GLU A 391 -13.50 -30.21 -25.90
N LEU A 392 -13.71 -29.85 -24.64
CA LEU A 392 -13.18 -30.63 -23.52
C LEU A 392 -14.01 -31.88 -23.30
N PRO A 393 -13.40 -32.93 -22.74
CA PRO A 393 -14.16 -34.08 -22.22
C PRO A 393 -15.15 -33.56 -21.20
N GLU A 394 -16.31 -34.21 -21.09
CA GLU A 394 -17.37 -33.79 -20.17
C GLU A 394 -16.87 -33.46 -18.77
N ASN A 395 -16.07 -34.37 -18.20
CA ASN A 395 -15.62 -34.19 -16.82
C ASN A 395 -14.65 -33.02 -16.64
N ALA A 396 -13.94 -32.63 -17.70
CA ALA A 396 -13.04 -31.48 -17.62
C ALA A 396 -13.85 -30.19 -17.68
N ARG A 397 -14.81 -30.15 -18.59
CA ARG A 397 -15.69 -28.99 -18.70
C ARG A 397 -16.42 -28.77 -17.38
N LYS A 398 -16.88 -29.87 -16.78
CA LYS A 398 -17.60 -29.79 -15.51
C LYS A 398 -16.72 -29.27 -14.39
N TYR A 399 -15.46 -29.72 -14.37
CA TYR A 399 -14.50 -29.24 -13.39
C TYR A 399 -14.32 -27.74 -13.51
N VAL A 400 -14.12 -27.27 -14.73
CA VAL A 400 -13.92 -25.85 -14.98
C VAL A 400 -15.15 -25.04 -14.56
N GLU A 401 -16.34 -25.50 -14.95
CA GLU A 401 -17.60 -24.85 -14.56
C GLU A 401 -17.75 -24.74 -13.04
N ARG A 402 -17.38 -25.80 -12.34
CA ARG A 402 -17.51 -25.81 -10.89
C ARG A 402 -16.58 -24.79 -10.22
N VAL A 403 -15.36 -24.66 -10.74
CA VAL A 403 -14.43 -23.66 -10.20
C VAL A 403 -15.08 -22.28 -10.29
N SER A 404 -15.66 -21.97 -11.43
CA SER A 404 -16.36 -20.71 -11.62
C SER A 404 -17.54 -20.56 -10.66
N GLU A 405 -18.34 -21.62 -10.53
CA GLU A 405 -19.50 -21.61 -9.65
C GLU A 405 -19.10 -21.39 -8.19
N LEU A 406 -17.99 -22.02 -7.79
CA LEU A 406 -17.57 -22.00 -6.40
C LEU A 406 -16.90 -20.69 -6.00
N THR A 407 -16.27 -20.03 -6.96
CA THR A 407 -15.54 -18.79 -6.68
C THR A 407 -16.44 -17.59 -6.91
N GLY A 408 -17.51 -17.78 -7.67
CA GLY A 408 -18.45 -16.70 -7.95
C GLY A 408 -17.86 -15.68 -8.92
N ILE A 409 -16.87 -16.12 -9.70
CA ILE A 409 -16.19 -15.25 -10.65
C ILE A 409 -16.39 -15.78 -12.07
N GLN A 410 -16.74 -14.88 -12.98
CA GLN A 410 -16.91 -15.23 -14.38
C GLN A 410 -15.57 -15.59 -15.01
N LEU A 411 -15.55 -16.67 -15.80
CA LEU A 411 -14.33 -17.10 -16.45
C LEU A 411 -14.08 -16.29 -17.73
N SER A 412 -12.86 -15.78 -17.90
CA SER A 412 -12.54 -15.01 -19.10
C SER A 412 -11.56 -15.75 -20.00
N PHE A 414 -8.85 -19.54 -20.19
CA PHE A 414 -8.35 -20.78 -19.61
C PHE A 414 -7.16 -21.28 -20.42
N SER A 415 -6.30 -22.11 -19.83
CA SER A 415 -5.18 -22.67 -20.58
C SER A 415 -5.01 -24.16 -20.33
N VAL A 416 -4.48 -24.83 -21.34
CA VAL A 416 -4.27 -26.27 -21.28
C VAL A 416 -2.82 -26.58 -21.67
N GLY A 417 -1.96 -25.58 -21.59
CA GLY A 417 -0.58 -25.74 -22.01
C GLY A 417 0.22 -24.46 -21.87
N PRO A 418 1.55 -24.54 -22.07
CA PRO A 418 2.46 -23.39 -21.90
C PRO A 418 2.47 -22.41 -23.07
N ASP A 419 2.01 -22.84 -24.24
CA ASP A 419 2.12 -22.04 -25.45
C ASP A 419 1.04 -20.96 -25.57
N ARG A 420 1.35 -19.92 -26.33
CA ARG A 420 0.41 -18.83 -26.54
C ARG A 420 -0.94 -19.32 -27.09
N ASN A 421 -0.89 -20.30 -28.00
CA ASN A 421 -2.11 -20.81 -28.60
C ASN A 421 -2.84 -21.82 -27.70
N GLN A 422 -2.26 -22.09 -26.53
CA GLN A 422 -2.91 -22.96 -25.56
C GLN A 422 -3.62 -22.20 -24.46
N THR A 423 -3.56 -20.87 -24.54
CA THR A 423 -4.40 -20.00 -23.70
C THR A 423 -5.54 -19.50 -24.54
N ASN A 424 -6.78 -19.75 -24.09
CA ASN A 424 -7.96 -19.50 -24.93
C ASN A 424 -8.98 -18.62 -24.23
N ILE A 425 -9.73 -17.82 -24.97
CA ILE A 425 -10.83 -17.03 -24.40
C ILE A 425 -12.03 -17.94 -24.02
N VAL A 426 -12.79 -17.53 -23.01
CA VAL A 426 -14.02 -18.21 -22.64
C VAL A 426 -15.22 -17.36 -23.04
N SER B 1 -28.39 3.86 -1.66
CA SER B 1 -28.17 4.72 -2.82
C SER B 1 -28.51 4.02 -4.14
N ASN B 2 -28.64 4.84 -5.19
CA ASN B 2 -28.90 4.38 -6.56
C ASN B 2 -27.89 3.33 -7.01
N ALA B 3 -26.61 3.68 -6.88
CA ALA B 3 -25.52 2.80 -7.27
C ALA B 3 -24.42 2.91 -6.23
N SER B 5 -21.55 4.07 -3.92
CA SER B 5 -21.24 5.39 -3.41
C SER B 5 -20.10 5.27 -2.40
N SER B 6 -18.93 5.72 -2.80
CA SER B 6 -17.71 5.52 -2.03
C SER B 6 -16.87 6.79 -2.19
N VAL B 7 -16.58 7.44 -1.08
CA VAL B 7 -15.83 8.70 -1.13
C VAL B 7 -14.62 8.61 -0.22
N VAL B 8 -13.46 9.05 -0.70
CA VAL B 8 -12.28 9.10 0.15
C VAL B 8 -11.93 10.55 0.46
N VAL B 9 -11.61 10.85 1.71
CA VAL B 9 -11.17 12.19 2.09
C VAL B 9 -9.68 12.12 2.39
N VAL B 10 -8.86 12.81 1.59
CA VAL B 10 -7.42 12.75 1.79
C VAL B 10 -6.86 14.14 2.03
N GLY B 11 -5.78 14.20 2.79
CA GLY B 11 -5.09 15.46 2.98
C GLY B 11 -4.11 15.64 1.84
N THR B 12 -4.08 16.82 1.24
CA THR B 12 -3.23 17.04 0.08
C THR B 12 -1.84 17.59 0.42
N GLN B 13 -1.63 17.94 1.68
CA GLN B 13 -0.41 18.66 2.06
C GLN B 13 0.36 17.83 3.08
N TRP B 14 0.78 18.44 4.19
CA TRP B 14 1.46 17.65 5.23
C TRP B 14 0.61 17.47 6.49
N GLY B 15 -0.64 17.06 6.34
CA GLY B 15 -1.51 16.90 7.51
C GLY B 15 -2.06 18.24 7.95
N ASP B 16 -2.98 18.23 8.91
CA ASP B 16 -3.58 19.46 9.43
C ASP B 16 -4.26 20.32 8.35
N GLU B 17 -4.75 19.68 7.30
CA GLU B 17 -5.44 20.40 6.24
C GLU B 17 -6.84 20.78 6.67
N GLY B 18 -7.29 20.19 7.78
CA GLY B 18 -8.67 20.32 8.21
C GLY B 18 -9.55 19.18 7.70
N LYS B 19 -8.93 18.01 7.51
CA LYS B 19 -9.64 16.83 7.00
C LYS B 19 -10.73 16.41 7.98
N GLY B 20 -10.46 16.62 9.26
CA GLY B 20 -11.33 16.15 10.31
C GLY B 20 -12.75 16.67 10.19
N LYS B 21 -12.91 17.99 10.09
CA LYS B 21 -14.25 18.54 9.99
C LYS B 21 -14.90 18.23 8.64
N ILE B 22 -14.10 17.96 7.62
CA ILE B 22 -14.68 17.59 6.32
C ILE B 22 -15.20 16.16 6.39
N THR B 23 -14.46 15.28 7.04
CA THR B 23 -14.93 13.93 7.26
C THR B 23 -16.14 13.93 8.21
N ASP B 24 -16.09 14.77 9.24
CA ASP B 24 -17.24 14.92 10.16
C ASP B 24 -18.48 15.33 9.37
N PHE B 25 -18.30 16.26 8.44
CA PHE B 25 -19.38 16.78 7.63
C PHE B 25 -19.93 15.68 6.73
N LEU B 26 -19.05 14.99 6.01
CA LEU B 26 -19.47 13.93 5.10
C LEU B 26 -20.01 12.71 5.83
N SER B 27 -19.61 12.55 7.09
CA SER B 27 -20.09 11.45 7.92
C SER B 27 -21.59 11.50 8.13
N GLU B 28 -22.15 12.70 8.11
CA GLU B 28 -23.56 12.90 8.38
C GLU B 28 -24.44 12.05 7.46
N HIS B 29 -24.00 11.88 6.22
CA HIS B 29 -24.78 11.12 5.25
C HIS B 29 -24.13 9.79 4.82
N ALA B 30 -23.04 9.41 5.48
CA ALA B 30 -22.39 8.12 5.21
C ALA B 30 -23.00 7.02 6.08
N GLU B 31 -22.95 5.77 5.63
CA GLU B 31 -23.41 4.66 6.47
C GLU B 31 -22.24 3.90 7.12
N VAL B 32 -21.09 3.97 6.48
CA VAL B 32 -19.87 3.36 7.01
C VAL B 32 -18.75 4.38 6.88
N VAL B 33 -17.94 4.53 7.93
CA VAL B 33 -16.78 5.41 7.90
C VAL B 33 -15.55 4.59 8.29
N ALA B 34 -14.48 4.66 7.49
CA ALA B 34 -13.33 3.77 7.71
C ALA B 34 -11.97 4.47 7.64
N ARG B 35 -11.13 4.25 8.65
CA ARG B 35 -9.70 4.57 8.59
C ARG B 35 -8.97 3.46 7.86
N TYR B 36 -7.89 3.82 7.15
CA TYR B 36 -7.22 2.83 6.30
C TYR B 36 -5.70 2.80 6.44
N GLN B 37 -5.13 3.74 7.20
CA GLN B 37 -3.69 3.76 7.42
C GLN B 37 -3.33 4.60 8.64
N GLY B 38 -2.08 4.49 9.07
CA GLY B 38 -1.60 5.27 10.18
C GLY B 38 -2.02 4.66 11.50
N GLY B 39 -1.93 5.45 12.56
CA GLY B 39 -2.27 4.97 13.88
C GLY B 39 -2.80 6.13 14.69
N ASN B 40 -2.36 6.24 15.94
CA ASN B 40 -2.82 7.33 16.79
C ASN B 40 -1.98 8.59 16.58
N ASN B 41 -1.18 8.59 15.51
CA ASN B 41 -0.51 9.82 15.08
C ASN B 41 -1.51 10.79 14.44
N ALA B 42 -2.67 10.25 14.10
CA ALA B 42 -3.78 11.04 13.56
C ALA B 42 -4.52 11.74 14.69
N GLY B 43 -5.43 12.64 14.32
CA GLY B 43 -6.24 13.28 15.33
C GLY B 43 -6.92 14.55 14.89
N HIS B 44 -8.16 14.72 15.32
CA HIS B 44 -8.80 16.03 15.18
C HIS B 44 -9.81 16.23 16.29
N THR B 45 -10.01 17.49 16.64
CA THR B 45 -10.96 17.85 17.68
C THR B 45 -12.33 18.02 17.06
N ILE B 46 -13.35 17.49 17.74
CA ILE B 46 -14.72 17.76 17.34
C ILE B 46 -15.51 18.09 18.59
N VAL B 47 -16.37 19.10 18.49
CA VAL B 47 -17.32 19.36 19.56
C VAL B 47 -18.64 18.77 19.08
N PHE B 48 -19.03 17.64 19.66
CA PHE B 48 -20.25 16.95 19.23
C PHE B 48 -21.24 16.93 20.39
N GLY B 49 -22.45 17.43 20.13
CA GLY B 49 -23.43 17.53 21.18
C GLY B 49 -22.99 18.45 22.31
N GLY B 50 -22.15 19.42 21.99
CA GLY B 50 -21.70 20.38 22.99
C GLY B 50 -20.55 19.88 23.84
N VAL B 51 -20.02 18.73 23.48
CA VAL B 51 -18.93 18.10 24.23
C VAL B 51 -17.70 17.98 23.34
N LYS B 52 -16.53 18.32 23.89
CA LYS B 52 -15.29 18.29 23.12
C LYS B 52 -14.62 16.91 23.15
N TYR B 53 -14.28 16.42 21.97
CA TYR B 53 -13.57 15.14 21.83
C TYR B 53 -12.34 15.31 20.96
N LYS B 54 -11.32 14.51 21.22
CA LYS B 54 -10.21 14.42 20.29
C LYS B 54 -9.94 12.95 20.00
N LEU B 55 -10.34 12.51 18.82
CA LEU B 55 -10.15 11.11 18.46
C LEU B 55 -8.85 10.94 17.72
N HIS B 56 -8.20 9.81 17.92
CA HIS B 56 -6.91 9.55 17.26
C HIS B 56 -6.97 8.30 16.40
N LEU B 57 -7.68 7.29 16.88
CA LEU B 57 -7.79 6.02 16.15
C LEU B 57 -9.20 5.75 15.64
N ILE B 58 -10.19 6.18 16.41
CA ILE B 58 -11.58 5.87 16.08
C ILE B 58 -12.09 6.82 14.98
N PRO B 59 -12.74 6.26 13.94
CA PRO B 59 -13.26 7.10 12.84
C PRO B 59 -14.34 8.11 13.27
N SER B 60 -14.50 9.15 12.47
CA SER B 60 -15.44 10.24 12.73
C SER B 60 -16.92 9.85 12.92
N GLY B 61 -17.33 8.72 12.36
CA GLY B 61 -18.74 8.41 12.41
C GLY B 61 -19.24 7.87 13.75
N ILE B 62 -18.32 7.69 14.70
CA ILE B 62 -18.63 6.92 15.91
C ILE B 62 -19.79 7.50 16.71
N PHE B 63 -19.96 8.83 16.61
CA PHE B 63 -20.96 9.52 17.43
C PHE B 63 -22.39 9.20 17.03
N TYR B 64 -22.55 8.59 15.86
CA TYR B 64 -23.87 8.21 15.38
C TYR B 64 -24.05 6.70 15.53
N LYS B 65 -24.99 6.30 16.39
CA LYS B 65 -25.16 4.90 16.76
C LYS B 65 -25.34 3.96 15.57
N GLU B 66 -25.99 4.47 14.53
CA GLU B 66 -26.37 3.64 13.38
C GLU B 66 -25.30 3.55 12.28
N LYS B 67 -24.22 4.29 12.43
CA LYS B 67 -23.14 4.24 11.43
C LYS B 67 -22.04 3.27 11.86
N ILE B 68 -21.61 2.40 10.95
CA ILE B 68 -20.50 1.49 11.24
C ILE B 68 -19.15 2.18 11.08
N CYS B 69 -18.27 2.06 12.07
CA CYS B 69 -16.96 2.69 12.02
C CYS B 69 -15.86 1.65 11.99
N VAL B 70 -14.98 1.75 11.00
CA VAL B 70 -14.02 0.69 10.74
C VAL B 70 -12.59 1.16 10.87
N ILE B 71 -11.83 0.42 11.67
CA ILE B 71 -10.39 0.55 11.69
C ILE B 71 -9.87 -0.60 10.80
N GLY B 72 -9.34 -0.25 9.62
CA GLY B 72 -8.95 -1.23 8.63
C GLY B 72 -7.65 -1.94 8.94
N ASN B 73 -7.28 -2.91 8.10
CA ASN B 73 -6.06 -3.68 8.30
C ASN B 73 -4.79 -2.90 8.10
N GLY B 74 -4.90 -1.74 7.46
CA GLY B 74 -3.74 -0.92 7.14
C GLY B 74 -3.17 -0.13 8.29
N LEU B 75 -3.86 -0.12 9.42
CA LEU B 75 -3.41 0.68 10.55
C LEU B 75 -2.44 -0.04 11.46
N VAL B 76 -1.73 0.75 12.27
CA VAL B 76 -0.95 0.22 13.39
C VAL B 76 -1.64 0.73 14.66
N VAL B 77 -2.11 -0.19 15.48
CA VAL B 77 -2.99 0.13 16.60
C VAL B 77 -2.33 -0.09 17.98
N ASP B 78 -2.21 0.98 18.76
CA ASP B 78 -1.78 0.86 20.16
C ASP B 78 -3.03 0.55 20.98
N PRO B 79 -3.14 -0.69 21.51
CA PRO B 79 -4.37 -1.08 22.21
C PRO B 79 -4.62 -0.22 23.43
N LYS B 80 -3.56 0.20 24.09
CA LYS B 80 -3.72 1.02 25.28
C LYS B 80 -4.36 2.36 24.92
N ALA B 81 -3.85 2.97 23.86
CA ALA B 81 -4.39 4.24 23.37
C ALA B 81 -5.82 4.07 22.87
N LEU B 82 -6.11 2.96 22.19
CA LEU B 82 -7.46 2.70 21.73
C LEU B 82 -8.43 2.61 22.92
N LEU B 83 -8.03 1.87 23.97
CA LEU B 83 -8.89 1.78 25.14
C LEU B 83 -9.08 3.09 25.90
N GLU B 84 -8.05 3.93 25.93
CA GLU B 84 -8.19 5.26 26.55
C GLU B 84 -9.25 6.06 25.79
N GLU B 85 -9.23 5.94 24.48
CA GLU B 85 -10.18 6.68 23.63
C GLU B 85 -11.61 6.15 23.85
N LEU B 86 -11.74 4.83 23.89
CA LEU B 86 -13.03 4.19 24.18
C LEU B 86 -13.58 4.64 25.53
N LYS B 87 -12.73 4.65 26.55
CA LYS B 87 -13.18 5.08 27.87
C LYS B 87 -13.63 6.55 27.88
N TYR B 88 -12.91 7.39 27.15
CA TYR B 88 -13.25 8.81 27.05
C TYR B 88 -14.65 8.99 26.46
N LEU B 89 -14.92 8.23 25.39
CA LEU B 89 -16.23 8.25 24.75
C LEU B 89 -17.31 7.74 25.69
N HIS B 90 -17.05 6.59 26.29
CA HIS B 90 -18.03 5.97 27.19
C HIS B 90 -18.38 6.87 28.37
N ASP B 91 -17.37 7.51 28.95
CA ASP B 91 -17.59 8.42 30.07
C ASP B 91 -18.50 9.59 29.71
N ARG B 92 -18.61 9.88 28.42
CA ARG B 92 -19.42 10.99 27.95
C ARG B 92 -20.69 10.50 27.26
N GLY B 93 -20.97 9.21 27.41
CA GLY B 93 -22.25 8.67 27.02
C GLY B 93 -22.34 8.27 25.56
N VAL B 94 -21.19 8.15 24.90
CA VAL B 94 -21.16 7.71 23.51
C VAL B 94 -20.99 6.19 23.44
N SER B 95 -21.95 5.49 22.85
CA SER B 95 -21.82 4.06 22.71
C SER B 95 -20.88 3.73 21.55
N THR B 96 -20.21 2.59 21.62
CA THR B 96 -19.26 2.22 20.58
C THR B 96 -19.52 0.84 20.03
N ASP B 97 -20.76 0.37 20.13
CA ASP B 97 -21.17 -0.92 19.57
C ASP B 97 -20.92 -1.00 18.08
N ASN B 98 -20.87 0.16 17.43
CA ASN B 98 -20.73 0.27 15.98
C ASN B 98 -19.29 0.22 15.47
N LEU B 99 -18.32 0.08 16.39
CA LEU B 99 -16.92 0.00 16.02
C LEU B 99 -16.57 -1.39 15.49
N ARG B 100 -15.73 -1.43 14.46
CA ARG B 100 -15.22 -2.70 13.92
C ARG B 100 -13.71 -2.55 13.76
N VAL B 101 -12.95 -3.50 14.31
CA VAL B 101 -11.48 -3.40 14.30
C VAL B 101 -10.91 -4.56 13.49
N SER B 102 -10.07 -4.26 12.50
CA SER B 102 -9.54 -5.35 11.65
C SER B 102 -8.74 -6.40 12.42
N ASN B 103 -9.03 -7.68 12.17
CA ASN B 103 -8.23 -8.75 12.75
C ASN B 103 -6.80 -8.78 12.20
N ARG B 104 -6.53 -7.98 11.16
CA ARG B 104 -5.24 -7.99 10.48
C ARG B 104 -4.46 -6.68 10.67
N ALA B 105 -5.03 -5.75 11.44
CA ALA B 105 -4.30 -4.53 11.81
C ALA B 105 -3.10 -4.91 12.68
N HIS B 106 -2.00 -4.18 12.55
CA HIS B 106 -0.83 -4.45 13.37
C HIS B 106 -0.92 -3.76 14.72
N VAL B 107 -0.23 -4.30 15.72
CA VAL B 107 -0.34 -3.83 17.09
C VAL B 107 0.93 -3.09 17.52
N ILE B 108 0.77 -1.89 18.06
CA ILE B 108 1.91 -1.15 18.62
C ILE B 108 2.08 -1.48 20.09
N LEU B 109 3.31 -1.82 20.48
CA LEU B 109 3.62 -2.24 21.85
C LEU B 109 4.66 -1.25 22.42
N PRO B 110 4.92 -1.31 23.75
CA PRO B 110 5.82 -0.29 24.32
C PRO B 110 7.22 -0.25 23.69
N TYR B 111 7.71 -1.38 23.20
CA TYR B 111 9.04 -1.36 22.58
C TYR B 111 9.09 -0.53 21.28
N HIS B 112 7.95 -0.36 20.62
CA HIS B 112 7.89 0.46 19.40
C HIS B 112 8.06 1.93 19.73
N LEU B 113 7.47 2.35 20.85
CA LEU B 113 7.62 3.74 21.29
C LEU B 113 9.08 4.02 21.63
N LYS B 114 9.74 3.11 22.33
CA LYS B 114 11.15 3.36 22.66
C LYS B 114 12.03 3.31 21.43
N GLN B 115 11.74 2.40 20.51
CA GLN B 115 12.54 2.30 19.29
C GLN B 115 12.44 3.60 18.47
N ASP B 116 11.23 4.16 18.42
CA ASP B 116 10.96 5.42 17.73
C ASP B 116 11.87 6.50 18.31
N GLU B 117 11.90 6.59 19.64
CA GLU B 117 12.67 7.60 20.34
C GLU B 117 14.17 7.40 20.07
N LEU B 118 14.63 6.16 20.13
CA LEU B 118 16.04 5.87 19.95
C LEU B 118 16.51 6.13 18.51
N GLU B 119 15.66 5.77 17.54
CA GLU B 119 16.00 5.98 16.12
C GLU B 119 16.15 7.47 15.83
N GLU B 120 15.21 8.25 16.36
CA GLU B 120 15.27 9.69 16.23
C GLU B 120 16.55 10.28 16.83
N ALA B 121 16.89 9.85 18.04
CA ALA B 121 18.11 10.32 18.68
C ALA B 121 19.34 10.00 17.83
N SER B 122 19.37 8.80 17.25
CA SER B 122 20.52 8.33 16.50
C SER B 122 20.73 9.12 15.21
N LYS B 123 19.67 9.77 14.72
CA LYS B 123 19.75 10.48 13.45
C LYS B 123 20.27 11.90 13.62
N GLY B 124 20.36 12.36 14.87
CA GLY B 124 20.90 13.67 15.15
C GLY B 124 20.15 14.75 14.39
N ASP B 125 20.89 15.59 13.67
CA ASP B 125 20.27 16.68 12.92
C ASP B 125 19.40 16.22 11.74
N ASN B 126 19.56 14.95 11.34
CA ASN B 126 18.72 14.36 10.29
C ASN B 126 17.45 13.71 10.82
N LYS B 127 17.09 13.99 12.07
CA LYS B 127 15.89 13.39 12.64
C LYS B 127 14.67 13.78 11.82
N ILE B 128 13.66 12.92 11.83
CA ILE B 128 12.45 13.15 11.05
C ILE B 128 11.48 14.06 11.77
N GLY B 129 11.52 14.04 13.10
CA GLY B 129 10.53 14.74 13.90
C GLY B 129 9.23 13.96 13.96
N THR B 130 9.34 12.67 14.26
CA THR B 130 8.15 11.81 14.30
C THR B 130 7.29 12.17 15.50
N THR B 131 6.08 11.63 15.54
CA THR B 131 5.15 11.90 16.63
C THR B 131 5.50 11.12 17.90
N LYS B 132 6.52 10.26 17.80
CA LYS B 132 7.00 9.47 18.94
C LYS B 132 5.97 8.47 19.47
N LYS B 133 5.11 8.00 18.56
CA LYS B 133 4.05 7.09 18.94
C LYS B 133 4.33 5.66 18.48
N GLY B 134 5.55 5.42 18.00
CA GLY B 134 5.93 4.08 17.61
C GLY B 134 5.47 3.66 16.23
N ILE B 135 5.00 4.62 15.43
CA ILE B 135 4.38 4.31 14.13
C ILE B 135 5.38 3.65 13.18
N GLY B 136 6.52 4.32 13.00
CA GLY B 136 7.55 3.83 12.11
C GLY B 136 8.02 2.45 12.49
N PRO B 137 8.43 2.27 13.75
CA PRO B 137 8.87 0.92 14.12
C PRO B 137 7.80 -0.19 13.95
N ALA B 138 6.52 0.14 14.13
CA ALA B 138 5.48 -0.87 13.92
C ALA B 138 5.37 -1.24 12.44
N TYR B 139 5.49 -0.25 11.58
CA TYR B 139 5.44 -0.53 10.13
C TYR B 139 6.71 -1.25 9.69
N ASP B 141 8.28 -3.49 11.62
CA ASP B 141 8.03 -4.88 12.03
C ASP B 141 7.05 -5.59 11.08
N LYS B 142 6.11 -4.83 10.54
CA LYS B 142 5.16 -5.40 9.57
C LYS B 142 5.92 -5.88 8.33
N ALA B 143 6.75 -5.01 7.75
CA ALA B 143 7.57 -5.36 6.59
C ALA B 143 8.53 -6.51 6.89
N ALA B 144 9.04 -6.53 8.11
CA ALA B 144 9.96 -7.58 8.56
C ALA B 144 9.23 -8.91 8.75
N ARG B 145 7.90 -8.85 8.79
CA ARG B 145 7.06 -10.02 9.01
C ARG B 145 7.28 -10.65 10.39
N ILE B 146 7.60 -9.81 11.37
CA ILE B 146 7.65 -10.23 12.77
C ILE B 146 6.56 -9.52 13.58
N GLY B 147 5.84 -8.61 12.94
CA GLY B 147 4.84 -7.83 13.64
C GLY B 147 3.70 -8.68 14.22
N ILE B 148 3.11 -8.17 15.29
CA ILE B 148 2.00 -8.84 15.97
C ILE B 148 0.71 -8.17 15.49
N ARG B 149 -0.29 -8.97 15.13
CA ARG B 149 -1.53 -8.41 14.61
C ARG B 149 -2.65 -8.61 15.61
N ALA B 151 -5.34 -10.32 15.50
CA ALA B 151 -5.71 -11.73 15.63
C ALA B 151 -4.80 -12.47 16.60
N ASP B 152 -3.52 -12.11 16.59
CA ASP B 152 -2.55 -12.69 17.52
C ASP B 152 -2.77 -12.20 18.94
N LEU B 153 -3.08 -10.92 19.09
CA LEU B 153 -3.26 -10.31 20.41
C LEU B 153 -4.38 -11.01 21.16
N LEU B 154 -5.39 -11.48 20.42
CA LEU B 154 -6.56 -12.12 21.02
C LEU B 154 -6.32 -13.56 21.45
N ASP B 155 -5.17 -14.11 21.06
CA ASP B 155 -4.84 -15.52 21.24
C ASP B 155 -3.80 -15.64 22.34
N ARG B 156 -4.20 -16.16 23.50
CA ARG B 156 -3.32 -16.22 24.68
C ARG B 156 -1.99 -16.88 24.35
N GLU B 157 -2.04 -18.00 23.62
CA GLU B 157 -0.82 -18.72 23.28
C GLU B 157 0.02 -17.99 22.22
N ALA B 158 -0.63 -17.50 21.17
CA ALA B 158 0.07 -16.83 20.08
C ALA B 158 0.71 -15.52 20.51
N PHE B 159 0.00 -14.74 21.31
CA PHE B 159 0.53 -13.45 21.75
C PHE B 159 1.79 -13.66 22.59
N LYS B 160 1.74 -14.62 23.51
CA LYS B 160 2.89 -14.94 24.34
C LYS B 160 4.08 -15.41 23.49
N GLU B 161 3.83 -16.30 22.52
CA GLU B 161 4.90 -16.79 21.65
C GLU B 161 5.57 -15.68 20.84
N LYS B 162 4.77 -14.78 20.28
CA LYS B 162 5.33 -13.72 19.44
C LYS B 162 6.09 -12.70 20.28
N LEU B 163 5.62 -12.45 21.49
CA LEU B 163 6.36 -11.57 22.40
C LEU B 163 7.70 -12.19 22.74
N GLU B 164 7.70 -13.50 22.97
CA GLU B 164 8.94 -14.17 23.34
C GLU B 164 9.96 -14.08 22.20
N GLN B 165 9.50 -14.33 20.98
CA GLN B 165 10.34 -14.20 19.79
C GLN B 165 10.80 -12.76 19.60
N ASN B 166 9.85 -11.83 19.63
CA ASN B 166 10.17 -10.45 19.31
C ASN B 166 11.03 -9.78 20.36
N LEU B 167 10.74 -10.03 21.63
CA LEU B 167 11.52 -9.39 22.68
C LEU B 167 12.94 -9.95 22.76
N ALA B 168 13.12 -11.20 22.37
CA ALA B 168 14.45 -11.79 22.27
C ALA B 168 15.31 -10.93 21.34
N GLN B 169 14.75 -10.55 20.20
CA GLN B 169 15.48 -9.70 19.26
C GLN B 169 15.52 -8.24 19.71
N LYS B 170 14.39 -7.68 20.12
CA LYS B 170 14.33 -6.26 20.48
C LYS B 170 15.19 -5.93 21.71
N ASN B 171 15.22 -6.82 22.69
CA ASN B 171 16.01 -6.56 23.88
C ASN B 171 17.50 -6.57 23.56
N ARG B 172 17.91 -7.44 22.65
CA ARG B 172 19.30 -7.45 22.19
C ARG B 172 19.56 -6.14 21.43
N LEU B 173 18.57 -5.72 20.63
CA LEU B 173 18.67 -4.42 19.93
C LEU B 173 18.88 -3.27 20.92
N PHE B 174 18.00 -3.15 21.91
CA PHE B 174 18.13 -2.08 22.90
C PHE B 174 19.44 -2.16 23.66
N GLU B 175 19.74 -3.35 24.18
CA GLU B 175 20.92 -3.54 25.02
C GLU B 175 22.24 -3.41 24.26
N LYS B 176 22.29 -3.94 23.04
CA LYS B 176 23.56 -4.01 22.31
C LYS B 176 23.75 -2.92 21.25
N TYR B 178 21.78 0.07 21.22
CA TYR B 178 21.46 1.38 21.78
C TYR B 178 21.93 1.56 23.22
N ASP B 179 22.57 0.54 23.79
CA ASP B 179 23.12 0.62 25.15
C ASP B 179 22.05 1.07 26.17
N THR B 180 20.85 0.54 26.04
CA THR B 180 19.76 0.92 26.93
C THR B 180 18.92 -0.29 27.33
N GLU B 181 17.95 -0.09 28.22
CA GLU B 181 17.13 -1.19 28.74
C GLU B 181 16.02 -1.56 27.79
N GLY B 182 15.64 -2.85 27.80
CA GLY B 182 14.53 -3.30 26.98
C GLY B 182 13.27 -3.51 27.82
N PHE B 183 12.51 -4.54 27.49
CA PHE B 183 11.19 -4.76 28.08
C PHE B 183 11.01 -6.20 28.54
N SER B 184 9.89 -6.47 29.19
CA SER B 184 9.63 -7.78 29.79
C SER B 184 8.51 -8.48 29.03
N VAL B 185 8.73 -9.75 28.69
CA VAL B 185 7.68 -10.53 28.04
C VAL B 185 6.41 -10.61 28.91
N ASP B 186 6.58 -11.00 30.16
CA ASP B 186 5.43 -11.18 31.05
C ASP B 186 4.69 -9.88 31.36
N GLU B 187 5.42 -8.78 31.51
CA GLU B 187 4.74 -7.52 31.85
C GLU B 187 3.94 -6.99 30.68
N ILE B 188 4.51 -7.07 29.48
CA ILE B 188 3.77 -6.67 28.29
C ILE B 188 2.59 -7.61 28.06
N PHE B 189 2.82 -8.91 28.23
CA PHE B 189 1.74 -9.87 28.04
C PHE B 189 0.57 -9.57 28.97
N GLU B 190 0.83 -9.44 30.26
CA GLU B 190 -0.26 -9.29 31.21
C GLU B 190 -1.08 -8.01 30.97
N GLU B 191 -0.37 -6.91 30.73
CA GLU B 191 -1.04 -5.64 30.50
C GLU B 191 -1.80 -5.63 29.18
N TYR B 192 -1.10 -5.99 28.11
CA TYR B 192 -1.68 -5.85 26.76
C TYR B 192 -2.65 -6.95 26.37
N PHE B 193 -2.49 -8.14 26.95
CA PHE B 193 -3.47 -9.18 26.66
C PHE B 193 -4.83 -8.76 27.20
N GLU B 194 -4.83 -8.12 28.36
CA GLU B 194 -6.08 -7.66 28.95
C GLU B 194 -6.72 -6.55 28.09
N TYR B 195 -5.91 -5.65 27.54
CA TYR B 195 -6.43 -4.67 26.59
C TYR B 195 -7.11 -5.36 25.41
N GLY B 196 -6.45 -6.39 24.88
CA GLY B 196 -6.98 -7.17 23.78
C GLY B 196 -8.34 -7.76 24.10
N GLN B 197 -8.50 -8.27 25.31
CA GLN B 197 -9.77 -8.87 25.71
C GLN B 197 -10.90 -7.85 25.74
N GLN B 198 -10.57 -6.59 26.04
CA GLN B 198 -11.60 -5.53 26.06
C GLN B 198 -11.93 -5.05 24.64
N ILE B 199 -11.02 -5.28 23.70
CA ILE B 199 -11.20 -4.85 22.31
C ILE B 199 -11.82 -5.96 21.48
N ALA B 200 -11.73 -7.20 21.98
CA ALA B 200 -12.11 -8.38 21.20
C ALA B 200 -13.50 -8.32 20.58
N GLN B 201 -14.44 -7.73 21.30
CA GLN B 201 -15.83 -7.60 20.86
C GLN B 201 -15.99 -6.91 19.50
N TYR B 202 -14.98 -6.13 19.11
CA TYR B 202 -15.02 -5.36 17.86
C TYR B 202 -14.23 -5.99 16.73
N VAL B 203 -13.44 -7.01 17.04
CA VAL B 203 -12.48 -7.54 16.08
C VAL B 203 -13.14 -8.49 15.07
N CYS B 204 -12.91 -8.25 13.79
CA CYS B 204 -13.55 -9.05 12.74
C CYS B 204 -12.84 -8.83 11.41
N ASP B 205 -13.31 -9.50 10.36
CA ASP B 205 -12.77 -9.26 9.02
C ASP B 205 -13.40 -7.98 8.46
N THR B 206 -12.65 -6.90 8.45
CA THR B 206 -13.21 -5.61 8.04
C THR B 206 -13.31 -5.46 6.52
N SER B 207 -12.62 -6.30 5.77
CA SER B 207 -12.81 -6.32 4.32
C SER B 207 -14.20 -6.83 4.00
N VAL B 208 -14.66 -7.82 4.75
CA VAL B 208 -16.02 -8.34 4.57
C VAL B 208 -17.01 -7.24 4.91
N VAL B 209 -16.75 -6.50 5.99
CA VAL B 209 -17.63 -5.41 6.39
C VAL B 209 -17.77 -4.37 5.28
N LEU B 210 -16.64 -3.92 4.76
CA LEU B 210 -16.65 -2.84 3.77
C LEU B 210 -17.20 -3.28 2.42
N ASN B 211 -16.81 -4.48 1.97
CA ASN B 211 -17.30 -4.95 0.69
C ASN B 211 -18.78 -5.28 0.70
N ASP B 212 -19.29 -5.78 1.82
CA ASP B 212 -20.74 -5.97 1.96
C ASP B 212 -21.47 -4.64 1.83
N ALA B 213 -20.92 -3.62 2.45
CA ALA B 213 -21.53 -2.28 2.39
C ALA B 213 -21.47 -1.73 0.96
N LEU B 214 -20.29 -1.82 0.34
CA LEU B 214 -20.10 -1.29 -1.00
C LEU B 214 -20.97 -1.99 -2.02
N ASP B 215 -20.96 -3.32 -2.00
CA ASP B 215 -21.69 -4.11 -2.99
C ASP B 215 -23.20 -3.96 -2.84
N ASN B 216 -23.66 -3.50 -1.68
CA ASN B 216 -25.09 -3.32 -1.45
C ASN B 216 -25.56 -1.86 -1.45
N ASN B 217 -24.75 -1.00 -2.08
CA ASN B 217 -25.08 0.41 -2.30
C ASN B 217 -25.27 1.24 -1.04
N HIS B 218 -24.54 0.87 0.03
CA HIS B 218 -24.50 1.72 1.20
C HIS B 218 -23.40 2.75 0.99
N ARG B 219 -23.61 3.98 1.47
CA ARG B 219 -22.61 5.02 1.32
C ARG B 219 -21.44 4.77 2.25
N VAL B 220 -20.25 4.66 1.67
CA VAL B 220 -19.05 4.40 2.46
C VAL B 220 -18.12 5.60 2.36
N LEU B 221 -17.58 6.04 3.50
CA LEU B 221 -16.65 7.16 3.52
C LEU B 221 -15.33 6.67 4.07
N PHE B 222 -14.23 6.93 3.35
CA PHE B 222 -12.90 6.57 3.85
C PHE B 222 -12.19 7.81 4.37
N GLU B 223 -11.64 7.71 5.58
CA GLU B 223 -11.06 8.86 6.29
C GLU B 223 -9.54 8.77 6.30
N GLY B 224 -8.88 9.62 5.51
CA GLY B 224 -7.42 9.62 5.50
C GLY B 224 -6.81 10.33 6.71
N ALA B 225 -5.57 9.97 7.02
CA ALA B 225 -4.81 10.65 8.06
C ALA B 225 -3.58 11.21 7.39
N GLN B 226 -2.83 12.06 8.09
CA GLN B 226 -1.66 12.70 7.51
C GLN B 226 -2.04 13.37 6.18
N GLY B 227 -1.18 13.28 5.17
CA GLY B 227 -1.50 13.90 3.89
C GLY B 227 -0.55 13.42 2.83
N VAL B 228 -0.82 13.76 1.57
CA VAL B 228 -0.04 13.23 0.46
C VAL B 228 1.45 13.52 0.59
N LEU B 230 3.21 13.60 3.13
CA LEU B 230 3.80 12.70 4.14
C LEU B 230 3.75 11.23 3.70
N ASP B 231 3.37 10.98 2.45
CA ASP B 231 3.20 9.59 1.97
C ASP B 231 4.56 8.90 1.87
N ILE B 232 4.65 7.66 2.35
CA ILE B 232 5.93 6.93 2.32
C ILE B 232 6.54 6.81 0.92
N ASP B 233 5.68 6.67 -0.10
CA ASP B 233 6.13 6.65 -1.48
C ASP B 233 6.22 8.05 -2.11
N HIS B 234 5.16 8.83 -1.96
CA HIS B 234 4.98 10.01 -2.80
C HIS B 234 5.24 11.33 -2.10
N GLY B 235 5.54 11.29 -0.81
CA GLY B 235 5.79 12.52 -0.08
C GLY B 235 7.26 12.93 -0.06
N THR B 236 7.60 13.87 0.83
CA THR B 236 8.95 14.40 0.90
C THR B 236 9.88 13.44 1.65
N TYR B 237 10.05 12.24 1.10
CA TYR B 237 10.87 11.20 1.73
C TYR B 237 12.29 11.70 2.01
N PRO B 238 12.87 11.38 3.20
CA PRO B 238 12.40 10.51 4.29
C PRO B 238 11.56 11.24 5.33
N PHE B 239 11.25 12.50 5.08
CA PHE B 239 10.46 13.30 6.01
C PHE B 239 8.98 13.05 5.76
N VAL B 240 8.58 11.84 6.11
CA VAL B 240 7.26 11.32 5.77
C VAL B 240 6.83 10.39 6.89
N THR B 241 5.57 9.96 6.85
CA THR B 241 5.12 8.88 7.73
C THR B 241 5.24 7.56 6.96
N SER B 242 5.22 6.44 7.68
CA SER B 242 5.54 5.14 7.05
C SER B 242 4.32 4.40 6.51
N SER B 243 3.38 5.14 5.94
CA SER B 243 2.19 4.51 5.37
C SER B 243 1.75 5.34 4.16
N ASN B 244 0.62 4.97 3.55
CA ASN B 244 0.11 5.64 2.35
C ASN B 244 -1.20 6.41 2.55
N PRO B 245 -1.11 7.70 2.91
CA PRO B 245 -2.32 8.53 3.06
C PRO B 245 -3.04 8.81 1.74
N ILE B 246 -2.39 8.57 0.60
CA ILE B 246 -3.04 8.83 -0.68
C ILE B 246 -4.29 7.95 -0.78
N ALA B 247 -5.21 8.29 -1.70
CA ALA B 247 -6.45 7.54 -1.85
C ALA B 247 -6.20 6.06 -2.13
N GLY B 248 -5.09 5.76 -2.80
CA GLY B 248 -4.74 4.38 -3.08
C GLY B 248 -4.60 3.52 -1.83
N GLY B 249 -4.24 4.16 -0.72
CA GLY B 249 -4.10 3.45 0.54
C GLY B 249 -5.36 2.76 1.01
N VAL B 250 -6.51 3.24 0.54
CA VAL B 250 -7.79 2.63 0.89
C VAL B 250 -7.86 1.19 0.40
N THR B 251 -7.29 0.94 -0.76
CA THR B 251 -7.46 -0.37 -1.38
C THR B 251 -6.66 -1.41 -0.58
N VAL B 252 -5.37 -1.17 -0.39
CA VAL B 252 -4.56 -2.11 0.36
C VAL B 252 -4.92 -2.10 1.86
N GLY B 253 -5.29 -0.94 2.38
CA GLY B 253 -5.52 -0.78 3.80
C GLY B 253 -6.86 -1.24 4.33
N THR B 254 -7.79 -1.58 3.43
CA THR B 254 -9.06 -2.14 3.86
C THR B 254 -9.47 -3.40 3.10
N GLY B 255 -8.72 -3.70 2.03
CA GLY B 255 -9.02 -4.87 1.21
C GLY B 255 -10.22 -4.63 0.32
N VAL B 256 -10.16 -3.54 -0.45
CA VAL B 256 -11.19 -3.26 -1.45
C VAL B 256 -10.53 -3.05 -2.82
N GLY B 257 -11.19 -3.50 -3.88
CA GLY B 257 -10.65 -3.31 -5.22
C GLY B 257 -10.61 -1.85 -5.60
N PRO B 258 -9.69 -1.47 -6.49
CA PRO B 258 -9.52 -0.04 -6.78
C PRO B 258 -10.73 0.62 -7.43
N ALA B 259 -11.49 -0.12 -8.22
CA ALA B 259 -12.64 0.47 -8.92
C ALA B 259 -13.81 0.77 -7.96
N LYS B 260 -13.72 0.28 -6.73
CA LYS B 260 -14.76 0.52 -5.72
C LYS B 260 -14.65 1.86 -5.01
N VAL B 261 -13.88 2.78 -5.56
CA VAL B 261 -13.85 4.17 -5.09
C VAL B 261 -14.46 5.06 -6.16
N THR B 262 -15.43 5.89 -5.79
CA THR B 262 -16.13 6.71 -6.78
C THR B 262 -15.68 8.17 -6.81
N ARG B 263 -15.29 8.70 -5.65
CA ARG B 263 -14.87 10.11 -5.56
C ARG B 263 -13.72 10.25 -4.57
N VAL B 264 -12.79 11.15 -4.85
CA VAL B 264 -11.68 11.41 -3.94
C VAL B 264 -11.63 12.89 -3.66
N VAL B 265 -11.92 13.26 -2.42
CA VAL B 265 -11.88 14.68 -2.02
C VAL B 265 -10.52 15.02 -1.48
N GLY B 266 -9.83 15.95 -2.14
CA GLY B 266 -8.56 16.40 -1.64
C GLY B 266 -8.81 17.63 -0.78
N VAL B 267 -8.40 17.56 0.48
CA VAL B 267 -8.60 18.67 1.39
C VAL B 267 -7.31 19.46 1.43
N CYS B 268 -7.40 20.76 1.15
CA CYS B 268 -6.26 21.69 1.15
CA CYS B 268 -6.21 21.60 1.30
C CYS B 268 -6.55 22.83 2.10
N LYS B 269 -5.59 23.23 2.91
CA LYS B 269 -5.74 24.44 3.68
C LYS B 269 -5.35 25.59 2.75
N ALA B 270 -5.92 26.78 2.96
CA ALA B 270 -5.63 27.95 2.12
C ALA B 270 -4.18 28.42 2.23
N TYR B 271 -3.48 27.92 3.25
CA TYR B 271 -2.04 28.12 3.41
C TYR B 271 -1.52 26.74 3.79
N THR B 272 -0.20 26.60 3.96
CA THR B 272 0.39 25.28 4.24
C THR B 272 1.04 25.22 5.63
N SER B 273 1.24 24.00 6.13
CA SER B 273 1.88 23.82 7.42
C SER B 273 2.60 22.49 7.49
N ARG B 274 3.61 22.41 8.35
CA ARG B 274 4.30 21.15 8.68
C ARG B 274 4.49 21.08 10.17
N VAL B 275 4.29 19.90 10.75
CA VAL B 275 4.54 19.69 12.17
C VAL B 275 5.99 19.25 12.42
N GLY B 276 6.49 18.35 11.58
CA GLY B 276 7.81 17.80 11.79
C GLY B 276 8.89 18.45 10.94
N ASP B 277 10.04 17.81 10.86
CA ASP B 277 11.18 18.36 10.12
C ASP B 277 11.08 18.07 8.62
N GLY B 278 11.95 18.71 7.84
CA GLY B 278 12.02 18.42 6.41
C GLY B 278 11.74 19.64 5.56
N PRO B 279 11.93 19.51 4.23
CA PRO B 279 11.79 20.66 3.33
C PRO B 279 10.38 21.23 3.35
N PHE B 280 10.28 22.53 3.09
CA PHE B 280 9.00 23.21 3.14
C PHE B 280 9.22 24.46 2.31
N PRO B 281 9.07 24.33 0.98
CA PRO B 281 9.49 25.42 0.09
C PRO B 281 8.83 26.78 0.38
N THR B 282 7.56 26.79 0.77
CA THR B 282 6.86 28.06 0.96
C THR B 282 6.85 28.57 2.41
N GLU B 283 7.67 27.95 3.25
CA GLU B 283 7.72 28.31 4.67
C GLU B 283 7.95 29.81 4.91
N LEU B 284 7.21 30.37 5.86
CA LEU B 284 7.30 31.78 6.24
C LEU B 284 7.94 31.95 7.62
N HIS B 285 8.71 33.02 7.80
CA HIS B 285 9.27 33.32 9.12
C HIS B 285 9.02 34.77 9.51
N ASP B 286 8.04 35.39 8.86
CA ASP B 286 7.80 36.82 9.05
C ASP B 286 6.55 37.10 9.88
N GLU B 287 6.14 38.36 9.95
CA GLU B 287 4.98 38.72 10.74
C GLU B 287 3.70 38.14 10.14
N ILE B 288 3.65 38.00 8.82
CA ILE B 288 2.52 37.33 8.18
C ILE B 288 2.40 35.87 8.59
N GLY B 289 3.53 35.16 8.58
CA GLY B 289 3.56 33.79 9.06
C GLY B 289 3.07 33.71 10.51
N HIS B 290 3.48 34.67 11.34
CA HIS B 290 3.03 34.64 12.72
C HIS B 290 1.52 34.88 12.82
N GLN B 291 1.02 35.80 12.00
CA GLN B 291 -0.42 36.07 12.01
C GLN B 291 -1.21 34.83 11.58
N ILE B 292 -0.74 34.17 10.53
CA ILE B 292 -1.37 32.94 10.07
C ILE B 292 -1.35 31.87 11.17
N ARG B 293 -0.21 31.69 11.83
CA ARG B 293 -0.10 30.71 12.92
C ARG B 293 -1.07 31.02 14.08
N GLU B 294 -1.16 32.30 14.45
CA GLU B 294 -2.01 32.72 15.57
C GLU B 294 -3.49 32.56 15.24
N VAL B 295 -3.90 33.13 14.12
CA VAL B 295 -5.31 33.06 13.72
C VAL B 295 -5.72 31.63 13.38
N GLY B 296 -4.80 30.90 12.76
CA GLY B 296 -5.05 29.51 12.37
C GLY B 296 -4.89 28.53 13.51
N ARG B 297 -4.48 29.02 14.67
CA ARG B 297 -4.24 28.16 15.84
C ARG B 297 -3.32 26.97 15.50
N GLU B 298 -2.22 27.29 14.82
CA GLU B 298 -1.31 26.26 14.31
C GLU B 298 -0.28 25.89 15.39
N TYR B 299 -0.78 25.23 16.43
CA TYR B 299 0.03 24.76 17.55
C TYR B 299 -0.40 23.35 17.91
N GLY B 300 0.52 22.56 18.47
CA GLY B 300 0.17 21.23 18.94
C GLY B 300 -0.89 21.31 20.04
N THR B 301 -1.95 20.54 19.88
CA THR B 301 -3.07 20.51 20.83
C THR B 301 -2.61 20.20 22.24
N THR B 302 -1.66 19.29 22.35
CA THR B 302 -1.17 18.80 23.64
C THR B 302 0.01 19.61 24.16
N THR B 303 0.98 19.88 23.28
CA THR B 303 2.24 20.46 23.69
C THR B 303 2.27 21.97 23.51
N GLY B 304 1.47 22.48 22.59
CA GLY B 304 1.47 23.89 22.27
C GLY B 304 2.64 24.27 21.38
N ARG B 305 3.34 23.28 20.86
CA ARG B 305 4.48 23.52 20.00
C ARG B 305 3.97 24.12 18.71
N PRO B 306 4.57 25.25 18.29
CA PRO B 306 4.14 25.89 17.04
C PRO B 306 4.46 25.02 15.84
N ARG B 307 3.52 24.96 14.91
CA ARG B 307 3.76 24.34 13.62
C ARG B 307 4.44 25.33 12.69
N ARG B 308 5.16 24.82 11.70
CA ARG B 308 5.72 25.64 10.64
C ARG B 308 4.59 25.99 9.69
N VAL B 309 4.55 27.24 9.20
CA VAL B 309 3.49 27.63 8.27
C VAL B 309 4.09 28.28 7.04
N GLY B 310 3.35 28.28 5.94
CA GLY B 310 3.85 28.84 4.70
C GLY B 310 2.72 29.20 3.76
N TRP B 311 3.04 29.81 2.63
CA TRP B 311 2.01 30.13 1.64
C TRP B 311 1.47 28.86 1.00
N PHE B 312 0.29 28.96 0.41
CA PHE B 312 -0.26 27.86 -0.39
C PHE B 312 0.75 27.45 -1.45
N ASP B 313 0.92 26.14 -1.62
CA ASP B 313 1.86 25.59 -2.57
C ASP B 313 1.09 24.76 -3.59
N SER B 314 0.88 25.30 -4.78
CA SER B 314 0.13 24.58 -5.82
C SER B 314 0.95 23.49 -6.51
N VAL B 315 2.27 23.51 -6.34
CA VAL B 315 3.11 22.45 -6.94
C VAL B 315 2.79 21.15 -6.22
N VAL B 316 2.76 21.25 -4.89
CA VAL B 316 2.41 20.14 -4.03
C VAL B 316 1.00 19.60 -4.32
N VAL B 317 0.04 20.51 -4.50
CA VAL B 317 -1.33 20.03 -4.72
C VAL B 317 -1.53 19.44 -6.11
N ARG B 318 -0.84 19.97 -7.12
CA ARG B 318 -0.90 19.35 -8.44
C ARG B 318 -0.28 17.93 -8.41
N HIS B 319 0.77 17.78 -7.61
CA HIS B 319 1.39 16.48 -7.37
C HIS B 319 0.36 15.54 -6.72
N ALA B 320 -0.31 16.01 -5.68
CA ALA B 320 -1.33 15.22 -4.99
C ALA B 320 -2.49 14.86 -5.92
N ARG B 321 -2.87 15.79 -6.80
CA ARG B 321 -3.94 15.50 -7.74
C ARG B 321 -3.63 14.24 -8.54
N ARG B 322 -2.39 14.14 -9.01
CA ARG B 322 -2.00 13.01 -9.81
C ARG B 322 -1.85 11.72 -8.99
N VAL B 323 -1.03 11.75 -7.94
CA VAL B 323 -0.73 10.51 -7.24
C VAL B 323 -1.89 9.96 -6.42
N SER B 324 -2.85 10.83 -6.11
CA SER B 324 -3.99 10.39 -5.31
C SER B 324 -5.29 10.40 -6.10
N GLY B 325 -5.21 10.73 -7.39
CA GLY B 325 -6.39 10.78 -8.25
C GLY B 325 -7.52 11.66 -7.70
N LEU B 326 -7.19 12.90 -7.34
CA LEU B 326 -8.19 13.80 -6.75
C LEU B 326 -9.26 14.19 -7.75
N THR B 327 -10.53 14.07 -7.35
CA THR B 327 -11.64 14.45 -8.23
C THR B 327 -12.34 15.73 -7.75
N ASP B 328 -12.15 16.05 -6.47
CA ASP B 328 -12.89 17.14 -5.84
C ASP B 328 -11.97 17.84 -4.86
N LEU B 329 -12.10 19.16 -4.78
CA LEU B 329 -11.30 19.96 -3.86
C LEU B 329 -12.14 20.53 -2.72
N SER B 330 -11.63 20.39 -1.50
CA SER B 330 -12.20 21.09 -0.35
C SER B 330 -11.12 22.07 0.12
N LEU B 331 -11.41 23.37 0.05
CA LEU B 331 -10.45 24.39 0.45
C LEU B 331 -10.82 24.97 1.82
N ASN B 332 -9.93 24.81 2.79
CA ASN B 332 -10.25 25.14 4.18
C ASN B 332 -9.48 26.36 4.70
N SER B 333 -9.97 26.94 5.79
CA SER B 333 -9.25 27.98 6.52
C SER B 333 -9.04 29.26 5.71
N ILE B 334 -9.95 29.56 4.78
CA ILE B 334 -9.81 30.77 3.98
C ILE B 334 -9.87 32.01 4.87
N ASP B 335 -10.62 31.91 5.96
CA ASP B 335 -10.76 33.00 6.91
C ASP B 335 -9.43 33.40 7.56
N VAL B 336 -8.50 32.46 7.66
CA VAL B 336 -7.21 32.74 8.31
C VAL B 336 -6.40 33.78 7.52
N LEU B 337 -6.69 33.93 6.22
CA LEU B 337 -5.94 34.85 5.38
C LEU B 337 -6.53 36.26 5.38
N THR B 338 -7.59 36.45 6.17
CA THR B 338 -8.23 37.77 6.29
C THR B 338 -7.28 38.83 6.85
N GLY B 339 -7.29 40.03 6.26
CA GLY B 339 -6.53 41.14 6.82
C GLY B 339 -5.07 41.20 6.42
N ILE B 340 -4.69 40.38 5.44
CA ILE B 340 -3.35 40.43 4.88
C ILE B 340 -3.46 41.06 3.49
N PRO B 341 -2.88 42.26 3.31
CA PRO B 341 -3.13 43.04 2.09
C PRO B 341 -2.67 42.36 0.80
N THR B 342 -1.53 41.67 0.84
CA THR B 342 -1.06 40.93 -0.32
C THR B 342 -0.80 39.46 0.01
N LEU B 343 -1.54 38.58 -0.66
CA LEU B 343 -1.41 37.14 -0.50
C LEU B 343 -0.53 36.59 -1.61
N LYS B 344 0.10 35.43 -1.38
CA LYS B 344 0.94 34.82 -2.40
C LYS B 344 0.58 33.35 -2.55
N ILE B 345 0.63 32.86 -3.78
CA ILE B 345 0.44 31.44 -4.04
C ILE B 345 1.64 30.95 -4.84
N CYS B 346 2.28 29.89 -4.37
CA CYS B 346 3.44 29.37 -5.08
C CYS B 346 2.95 28.57 -6.28
N VAL B 347 3.43 28.91 -7.48
CA VAL B 347 2.97 28.26 -8.70
C VAL B 347 4.01 27.33 -9.31
N ALA B 348 5.27 27.50 -8.91
CA ALA B 348 6.36 26.70 -9.44
C ALA B 348 7.52 26.77 -8.45
N TYR B 349 8.54 25.94 -8.65
CA TYR B 349 9.78 26.06 -7.90
C TYR B 349 10.89 26.52 -8.79
N LYS B 350 11.84 27.24 -8.21
CA LYS B 350 13.06 27.60 -8.91
C LYS B 350 14.16 26.78 -8.26
N CYS B 351 14.87 26.00 -9.06
CA CYS B 351 15.84 25.06 -8.55
C CYS B 351 17.13 25.21 -9.34
N ASP B 352 18.09 25.93 -8.76
CA ASP B 352 19.31 26.32 -9.45
C ASP B 352 18.98 27.11 -10.71
N GLY B 353 18.11 28.11 -10.56
CA GLY B 353 17.73 28.97 -11.66
C GLY B 353 16.71 28.38 -12.61
N LYS B 354 16.49 27.06 -12.53
CA LYS B 354 15.54 26.41 -13.41
C LYS B 354 14.15 26.33 -12.79
N VAL B 355 13.15 26.85 -13.52
CA VAL B 355 11.78 26.86 -13.02
C VAL B 355 11.10 25.55 -13.38
N ILE B 356 10.59 24.85 -12.37
CA ILE B 356 10.01 23.52 -12.59
C ILE B 356 8.63 23.39 -11.96
N ASP B 357 7.85 22.43 -12.46
CA ASP B 357 6.57 22.10 -11.85
C ASP B 357 6.56 20.62 -11.47
N GLU B 358 7.31 20.30 -10.43
CA GLU B 358 7.38 18.94 -9.95
C GLU B 358 7.94 19.02 -8.54
N VAL B 359 7.64 18.01 -7.74
CA VAL B 359 8.34 17.86 -6.47
C VAL B 359 9.47 16.90 -6.76
N PRO B 360 10.73 17.35 -6.65
CA PRO B 360 11.85 16.46 -6.94
C PRO B 360 11.85 15.28 -5.97
N ALA B 361 12.30 14.13 -6.44
CA ALA B 361 12.37 12.94 -5.61
C ALA B 361 13.62 12.96 -4.75
N ASN B 362 14.67 13.61 -5.26
CA ASN B 362 15.93 13.72 -4.53
C ASN B 362 15.78 14.84 -3.50
N LEU B 363 15.93 14.48 -2.23
CA LEU B 363 15.73 15.43 -1.12
C LEU B 363 16.67 16.64 -1.22
N ASN B 364 17.91 16.39 -1.63
CA ASN B 364 18.89 17.47 -1.77
C ASN B 364 18.46 18.50 -2.83
N ILE B 365 17.75 18.02 -3.84
CA ILE B 365 17.27 18.89 -4.90
C ILE B 365 16.02 19.64 -4.42
N LEU B 366 15.11 18.92 -3.78
CA LEU B 366 13.93 19.55 -3.18
C LEU B 366 14.32 20.61 -2.17
N ALA B 367 15.38 20.33 -1.40
CA ALA B 367 15.85 21.27 -0.38
C ALA B 367 16.35 22.59 -0.98
N LYS B 368 16.61 22.59 -2.28
CA LYS B 368 17.09 23.78 -2.99
C LYS B 368 15.97 24.55 -3.68
N CYS B 369 14.77 23.99 -3.67
CA CYS B 369 13.66 24.61 -4.38
C CYS B 369 13.17 25.89 -3.72
N GLU B 370 13.23 27.00 -4.45
CA GLU B 370 12.69 28.28 -3.99
C GLU B 370 11.32 28.46 -4.60
N PRO B 371 10.37 29.02 -3.83
CA PRO B 371 9.03 29.20 -4.39
C PRO B 371 8.97 30.32 -5.42
N VAL B 372 8.26 30.09 -6.51
CA VAL B 372 7.96 31.15 -7.48
C VAL B 372 6.47 31.45 -7.28
N CYS B 373 6.16 32.70 -6.96
CA CYS B 373 4.81 33.02 -6.49
C CYS B 373 4.07 34.04 -7.34
N GLU B 374 2.76 33.88 -7.40
CA GLU B 374 1.83 34.91 -7.87
C GLU B 374 1.35 35.69 -6.65
N GLU B 375 1.13 36.99 -6.81
CA GLU B 375 0.58 37.80 -5.74
C GLU B 375 -0.88 38.14 -6.03
N LEU B 376 -1.70 38.10 -4.99
CA LEU B 376 -3.13 38.42 -5.12
C LEU B 376 -3.51 39.36 -3.97
N PRO B 377 -4.38 40.34 -4.26
CA PRO B 377 -4.81 41.28 -3.22
C PRO B 377 -5.73 40.60 -2.19
N GLY B 378 -5.67 41.05 -0.95
CA GLY B 378 -6.46 40.42 0.11
C GLY B 378 -7.76 41.15 0.39
N TRP B 379 -8.35 40.86 1.55
CA TRP B 379 -9.62 41.48 1.94
C TRP B 379 -9.58 41.75 3.44
N THR B 380 -10.53 42.55 3.93
CA THR B 380 -10.54 42.89 5.36
C THR B 380 -11.77 42.37 6.10
N GLU B 381 -12.80 41.97 5.35
CA GLU B 381 -14.07 41.53 5.94
C GLU B 381 -13.97 40.24 6.75
N ASP B 382 -14.72 40.17 7.84
CA ASP B 382 -14.92 38.93 8.59
C ASP B 382 -15.76 37.99 7.71
N ILE B 383 -15.19 36.88 7.27
CA ILE B 383 -15.93 35.97 6.37
C ILE B 383 -16.39 34.69 7.06
N THR B 384 -16.31 34.66 8.39
CA THR B 384 -16.53 33.42 9.14
C THR B 384 -18.00 33.00 9.14
N GLY B 385 -18.89 33.88 8.67
CA GLY B 385 -20.30 33.54 8.58
C GLY B 385 -20.78 33.36 7.14
N VAL B 386 -19.86 33.46 6.20
CA VAL B 386 -20.22 33.41 4.77
C VAL B 386 -20.74 32.03 4.38
N ARG B 387 -21.76 31.99 3.53
CA ARG B 387 -22.40 30.74 3.14
C ARG B 387 -22.16 30.28 1.69
N SER B 388 -21.59 31.14 0.86
CA SER B 388 -21.45 30.80 -0.57
C SER B 388 -20.35 31.59 -1.25
N LEU B 389 -19.92 31.13 -2.42
CA LEU B 389 -18.86 31.84 -3.15
C LEU B 389 -19.30 33.24 -3.54
N ASP B 390 -20.57 33.36 -3.92
CA ASP B 390 -21.18 34.63 -4.30
C ASP B 390 -21.09 35.68 -3.21
N GLU B 391 -21.15 35.22 -1.97
CA GLU B 391 -21.18 36.11 -0.81
C GLU B 391 -19.79 36.58 -0.39
N LEU B 392 -18.76 35.82 -0.76
CA LEU B 392 -17.39 36.21 -0.41
C LEU B 392 -17.06 37.59 -0.97
N PRO B 393 -16.26 38.36 -0.23
CA PRO B 393 -15.67 39.58 -0.78
C PRO B 393 -14.98 39.20 -2.09
N GLU B 394 -15.03 40.09 -3.09
CA GLU B 394 -14.44 39.82 -4.40
C GLU B 394 -13.05 39.18 -4.34
N ASN B 395 -12.15 39.74 -3.54
CA ASN B 395 -10.78 39.22 -3.52
C ASN B 395 -10.65 37.84 -2.90
N ALA B 396 -11.54 37.52 -1.95
CA ALA B 396 -11.55 36.19 -1.37
C ALA B 396 -12.08 35.17 -2.39
N ARG B 397 -13.11 35.53 -3.13
CA ARG B 397 -13.62 34.64 -4.18
C ARG B 397 -12.54 34.41 -5.25
N LYS B 398 -11.85 35.48 -5.63
CA LYS B 398 -10.78 35.38 -6.62
C LYS B 398 -9.68 34.46 -6.14
N TYR B 399 -9.37 34.52 -4.84
CA TYR B 399 -8.33 33.66 -4.27
C TYR B 399 -8.74 32.19 -4.35
N VAL B 400 -9.98 31.90 -3.92
CA VAL B 400 -10.53 30.55 -4.02
C VAL B 400 -10.53 30.04 -5.46
N GLU B 401 -11.06 30.84 -6.38
CA GLU B 401 -11.07 30.44 -7.79
C GLU B 401 -9.65 30.19 -8.32
N ARG B 402 -8.69 31.01 -7.91
CA ARG B 402 -7.33 30.83 -8.39
C ARG B 402 -6.71 29.51 -7.93
N VAL B 403 -7.03 29.09 -6.71
CA VAL B 403 -6.55 27.79 -6.23
C VAL B 403 -7.06 26.65 -7.12
N SER B 404 -8.33 26.69 -7.45
CA SER B 404 -8.88 25.65 -8.33
C SER B 404 -8.29 25.72 -9.74
N GLU B 405 -8.07 26.94 -10.23
CA GLU B 405 -7.45 27.11 -11.54
C GLU B 405 -6.03 26.55 -11.56
N LEU B 406 -5.27 26.82 -10.51
CA LEU B 406 -3.86 26.44 -10.50
C LEU B 406 -3.68 24.96 -10.25
N THR B 407 -4.61 24.35 -9.52
CA THR B 407 -4.47 22.93 -9.17
C THR B 407 -5.14 22.01 -10.18
N GLY B 408 -6.07 22.56 -10.96
CA GLY B 408 -6.80 21.78 -11.94
C GLY B 408 -7.88 20.90 -11.32
N ILE B 409 -8.25 21.19 -10.08
CA ILE B 409 -9.27 20.39 -9.39
C ILE B 409 -10.53 21.22 -9.15
N GLN B 410 -11.69 20.69 -9.56
CA GLN B 410 -12.96 21.42 -9.38
C GLN B 410 -13.28 21.60 -7.89
N LEU B 411 -13.76 22.79 -7.53
CA LEU B 411 -14.09 23.07 -6.13
C LEU B 411 -15.40 22.40 -5.76
N SER B 412 -15.42 21.65 -4.66
CA SER B 412 -16.65 21.00 -4.23
C SER B 412 -17.13 21.49 -2.86
N PHE B 414 -15.88 24.51 0.47
CA PHE B 414 -14.91 25.41 1.11
C PHE B 414 -15.34 25.72 2.52
N SER B 415 -14.38 26.02 3.38
CA SER B 415 -14.66 26.28 4.78
C SER B 415 -14.16 27.65 5.20
N VAL B 416 -14.93 28.35 6.03
CA VAL B 416 -14.57 29.70 6.45
C VAL B 416 -14.37 29.76 7.97
N GLY B 417 -14.23 28.61 8.62
CA GLY B 417 -14.00 28.58 10.04
C GLY B 417 -13.75 27.17 10.54
N PRO B 418 -13.36 27.05 11.82
CA PRO B 418 -12.98 25.74 12.38
C PRO B 418 -14.18 24.85 12.70
N ASP B 419 -15.39 25.40 12.73
CA ASP B 419 -16.56 24.60 13.11
C ASP B 419 -17.17 23.85 11.93
N ARG B 420 -17.85 22.74 12.23
CA ARG B 420 -18.48 21.94 11.18
C ARG B 420 -19.53 22.73 10.41
N ASN B 421 -20.23 23.65 11.08
CA ASN B 421 -21.26 24.43 10.39
C ASN B 421 -20.70 25.52 9.48
N GLN B 422 -19.38 25.69 9.49
CA GLN B 422 -18.73 26.66 8.61
C GLN B 422 -18.22 26.03 7.31
N THR B 423 -18.69 24.83 7.03
CA THR B 423 -18.39 24.15 5.77
C THR B 423 -19.48 24.42 4.76
N ASN B 424 -19.10 24.89 3.57
CA ASN B 424 -20.06 25.21 2.52
C ASN B 424 -19.94 24.27 1.33
N ILE B 425 -21.06 23.76 0.85
CA ILE B 425 -21.04 22.81 -0.27
C ILE B 425 -21.21 23.55 -1.60
N VAL B 426 -20.29 23.31 -2.53
CA VAL B 426 -20.41 23.81 -3.90
C VAL B 426 -20.91 22.70 -4.81
N ARG B 427 -20.34 21.50 -4.64
CA ARG B 427 -20.80 20.32 -5.37
C ARG B 427 -21.01 19.13 -4.44
N ASN B 428 -22.05 18.35 -4.72
CA ASN B 428 -22.28 17.11 -3.98
C ASN B 428 -21.30 16.01 -4.38
N VAL B 429 -20.66 15.37 -3.40
CA VAL B 429 -19.75 14.26 -3.71
C VAL B 429 -20.44 12.90 -3.58
N TYR B 430 -21.61 12.88 -2.97
CA TYR B 430 -22.48 11.70 -2.98
C TYR B 430 -23.48 11.84 -4.14
N GLU B 431 -23.76 10.74 -4.83
CA GLU B 431 -24.75 10.76 -5.90
C GLU B 431 -25.99 9.97 -5.52
#